data_3FQ7
#
_entry.id   3FQ7
#
_cell.length_a   66.372
_cell.length_b   107.025
_cell.length_c   121.752
_cell.angle_alpha   90.00
_cell.angle_beta   90.00
_cell.angle_gamma   90.00
#
_symmetry.space_group_name_H-M   'P 21 21 21'
#
loop_
_entity.id
_entity.type
_entity.pdbx_description
1 polymer 'Glutamate-1-semialdehyde 2,1-aminomutase'
2 non-polymer '3-[O-PHOSPHONOPYRIDOXYL]--AMINO-BENZOIC ACID'
3 water water
#
_entity_poly.entity_id   1
_entity_poly.type   'polypeptide(L)'
_entity_poly.pdbx_seq_one_letter_code
;FKTIKSDEIFAAAQKLMPGGVSSPVRAFKSVGGQPIVFDRVKDAYAWDVDGNRYIDYVGTWGPAICGHAHPEVIEALKVA
MEKGTSFGAPCALENVLAEMVNDAVPSIEMVRFVNSGTEACMAVLRIMRAYTGRDKIIKFEGCYHGHADMFLVKAGSGVA
TLGLPSSPGVPKKTTANTLTTPYNDLEAVKALFAENPGEIAGVILEPIVGNSGFIVPDAGFLEGLREITLEHDALLVFDE
VMTGFRIAYGGVQEKFGVTPDLTTLGKIIGGGLPVGAYGGKREIMQLVAPAGPMYQAGTLSGNPLAMTAGIKTLELLRQP
GTYEYLDQITKRLSDGLLAIAQETGHAACGGQVSGMFGFFFTEGPVHNYEDAKKSDLQKFSRFHRGMLEQGIYLAPSQFE
AGFTSLAHTEEDIDATLAAARTVMSAL
;
_entity_poly.pdbx_strand_id   A,B
#
# COMPACT_ATOMS: atom_id res chain seq x y z
N PHE A 1 -0.95 -37.39 4.61
CA PHE A 1 -0.90 -35.94 4.26
C PHE A 1 0.25 -35.28 5.00
N LYS A 2 1.38 -35.13 4.32
CA LYS A 2 2.56 -34.53 4.95
C LYS A 2 2.62 -33.01 4.78
N THR A 3 3.01 -32.32 5.85
CA THR A 3 3.13 -30.88 5.85
C THR A 3 4.42 -30.53 6.59
N ILE A 4 5.35 -31.49 6.60
CA ILE A 4 6.63 -31.32 7.27
C ILE A 4 7.35 -30.03 6.87
N LYS A 5 7.47 -29.79 5.58
CA LYS A 5 8.15 -28.60 5.11
C LYS A 5 7.43 -27.32 5.49
N SER A 6 6.10 -27.32 5.37
CA SER A 6 5.34 -26.14 5.74
C SER A 6 5.55 -25.82 7.21
N ASP A 7 5.54 -26.86 8.05
CA ASP A 7 5.72 -26.68 9.49
C ASP A 7 7.08 -26.07 9.81
N GLU A 8 8.12 -26.59 9.14
CA GLU A 8 9.46 -26.06 9.36
C GLU A 8 9.52 -24.58 9.04
N ILE A 9 9.09 -24.23 7.84
CA ILE A 9 9.11 -22.85 7.40
C ILE A 9 8.26 -21.94 8.27
N PHE A 10 7.08 -22.40 8.66
CA PHE A 10 6.20 -21.57 9.49
C PHE A 10 6.81 -21.39 10.87
N ALA A 11 7.44 -22.44 11.38
CA ALA A 11 8.06 -22.38 12.69
C ALA A 11 9.12 -21.29 12.67
N ALA A 12 9.94 -21.29 11.62
CA ALA A 12 10.99 -20.29 11.47
C ALA A 12 10.43 -18.90 11.28
N ALA A 13 9.35 -18.80 10.50
CA ALA A 13 8.72 -17.52 10.23
C ALA A 13 8.27 -16.80 11.49
N GLN A 14 7.76 -17.55 12.47
CA GLN A 14 7.27 -16.96 13.71
C GLN A 14 8.33 -16.23 14.50
N LYS A 15 9.58 -16.53 14.20
CA LYS A 15 10.68 -15.89 14.91
C LYS A 15 11.10 -14.62 14.17
N LEU A 16 10.72 -14.52 12.91
CA LEU A 16 11.07 -13.39 12.06
C LEU A 16 9.96 -12.36 11.86
N MET A 17 8.72 -12.83 11.88
CA MET A 17 7.57 -11.96 11.66
C MET A 17 6.48 -12.24 12.67
N PRO A 18 5.69 -11.21 13.03
CA PRO A 18 4.60 -11.35 14.00
C PRO A 18 3.68 -12.49 13.56
N GLY A 19 3.58 -13.52 14.40
CA GLY A 19 2.72 -14.65 14.06
C GLY A 19 3.27 -15.43 12.88
N GLY A 20 4.50 -15.14 12.52
CA GLY A 20 5.11 -15.82 11.40
C GLY A 20 4.41 -15.62 10.08
N VAL A 21 3.71 -14.50 9.92
CA VAL A 21 2.99 -14.21 8.69
C VAL A 21 2.99 -12.72 8.35
N SER A 22 2.70 -12.41 7.09
CA SER A 22 2.61 -11.02 6.66
C SER A 22 1.18 -10.51 6.84
N SER A 23 0.24 -11.43 7.08
CA SER A 23 -1.15 -11.07 7.28
C SER A 23 -1.85 -12.07 8.19
N PRO A 24 -2.49 -11.58 9.26
CA PRO A 24 -3.22 -12.32 10.30
C PRO A 24 -3.92 -13.61 9.90
N VAL A 25 -4.89 -13.52 8.99
CA VAL A 25 -5.65 -14.70 8.58
C VAL A 25 -4.80 -15.87 8.10
N ARG A 26 -3.67 -15.59 7.46
CA ARG A 26 -2.80 -16.66 6.97
C ARG A 26 -2.28 -17.55 8.08
N ALA A 27 -2.47 -17.13 9.33
CA ALA A 27 -1.96 -17.90 10.47
C ALA A 27 -2.74 -19.17 10.84
N PHE A 28 -3.91 -19.38 10.26
CA PHE A 28 -4.73 -20.56 10.54
C PHE A 28 -5.19 -20.66 12.00
N LYS A 29 -4.96 -19.61 12.77
CA LYS A 29 -5.32 -19.59 14.19
C LYS A 29 -6.65 -20.26 14.55
N SER A 30 -7.71 -19.88 13.85
CA SER A 30 -9.03 -20.42 14.14
C SER A 30 -9.42 -21.63 13.30
N VAL A 31 -8.45 -22.28 12.69
CA VAL A 31 -8.77 -23.44 11.85
C VAL A 31 -7.77 -24.57 12.00
N GLY A 32 -6.93 -24.48 13.03
CA GLY A 32 -5.94 -25.53 13.24
C GLY A 32 -4.59 -25.01 13.69
N GLY A 33 -4.17 -23.88 13.13
CA GLY A 33 -2.90 -23.30 13.52
C GLY A 33 -1.72 -23.78 12.70
N GLN A 34 -1.96 -24.73 11.81
CA GLN A 34 -0.89 -25.24 10.95
C GLN A 34 -1.07 -24.77 9.51
N PRO A 35 -0.69 -23.52 9.23
CA PRO A 35 -0.85 -23.05 7.86
C PRO A 35 0.06 -23.82 6.90
N ILE A 36 -0.29 -23.83 5.62
CA ILE A 36 0.56 -24.51 4.65
C ILE A 36 1.27 -23.45 3.81
N VAL A 37 2.57 -23.62 3.63
CA VAL A 37 3.38 -22.69 2.87
C VAL A 37 3.34 -23.02 1.39
N PHE A 38 2.84 -22.10 0.59
CA PHE A 38 2.75 -22.32 -0.85
C PHE A 38 4.11 -22.21 -1.50
N ASP A 39 4.31 -22.98 -2.57
CA ASP A 39 5.55 -22.91 -3.31
C ASP A 39 5.27 -22.25 -4.66
N ARG A 40 4.14 -22.63 -5.24
CA ARG A 40 3.74 -22.06 -6.52
C ARG A 40 2.25 -22.25 -6.73
N VAL A 41 1.70 -21.47 -7.64
CA VAL A 41 0.29 -21.55 -7.95
C VAL A 41 0.15 -21.48 -9.46
N LYS A 42 -0.90 -22.10 -9.98
CA LYS A 42 -1.12 -22.07 -11.42
C LYS A 42 -2.54 -22.46 -11.70
N ASP A 43 -3.19 -21.68 -12.56
CA ASP A 43 -4.58 -21.94 -12.93
C ASP A 43 -5.42 -21.97 -11.66
N ALA A 44 -6.08 -23.08 -11.39
CA ALA A 44 -6.91 -23.18 -10.21
C ALA A 44 -6.26 -23.95 -9.09
N TYR A 45 -4.97 -24.22 -9.23
CA TYR A 45 -4.25 -25.00 -8.23
C TYR A 45 -3.14 -24.28 -7.50
N ALA A 46 -2.80 -24.84 -6.35
CA ALA A 46 -1.75 -24.31 -5.52
C ALA A 46 -0.95 -25.53 -5.12
N TRP A 47 0.35 -25.35 -4.96
CA TRP A 47 1.19 -26.47 -4.56
C TRP A 47 1.92 -26.18 -3.27
N ASP A 48 1.82 -27.14 -2.37
CA ASP A 48 2.45 -27.11 -1.08
C ASP A 48 3.96 -27.10 -1.29
N VAL A 49 4.67 -26.70 -0.25
CA VAL A 49 6.11 -26.70 -0.27
C VAL A 49 6.49 -28.18 -0.03
N ASP A 50 5.47 -29.01 0.22
CA ASP A 50 5.63 -30.44 0.46
C ASP A 50 5.23 -31.28 -0.75
N GLY A 51 4.79 -30.63 -1.82
CA GLY A 51 4.39 -31.36 -3.00
C GLY A 51 2.89 -31.58 -3.09
N ASN A 52 2.17 -31.30 -2.02
CA ASN A 52 0.73 -31.47 -2.05
C ASN A 52 0.15 -30.47 -3.04
N ARG A 53 -0.85 -30.91 -3.79
CA ARG A 53 -1.50 -30.07 -4.76
C ARG A 53 -2.92 -29.83 -4.27
N TYR A 54 -3.42 -28.62 -4.41
CA TYR A 54 -4.77 -28.32 -3.96
C TYR A 54 -5.53 -27.59 -5.03
N ILE A 55 -6.84 -27.73 -4.99
CA ILE A 55 -7.70 -26.99 -5.89
C ILE A 55 -7.92 -25.79 -4.96
N ASP A 56 -7.50 -24.62 -5.42
CA ASP A 56 -7.55 -23.40 -4.64
C ASP A 56 -8.86 -22.61 -4.75
N TYR A 57 -9.47 -22.31 -3.61
CA TYR A 57 -10.71 -21.52 -3.61
C TYR A 57 -10.51 -20.20 -2.88
N VAL A 58 -9.25 -19.85 -2.68
CA VAL A 58 -8.91 -18.59 -2.02
C VAL A 58 -8.46 -17.57 -3.08
N GLY A 59 -7.82 -18.06 -4.14
CA GLY A 59 -7.35 -17.19 -5.22
C GLY A 59 -6.62 -15.97 -4.71
N THR A 60 -5.66 -16.20 -3.83
CA THR A 60 -4.86 -15.16 -3.19
C THR A 60 -5.77 -14.02 -2.74
N TRP A 61 -6.94 -14.43 -2.25
CA TRP A 61 -7.95 -13.55 -1.71
C TRP A 61 -8.63 -12.59 -2.67
N GLY A 62 -8.84 -13.06 -3.90
CA GLY A 62 -9.53 -12.22 -4.87
C GLY A 62 -8.87 -11.91 -6.18
N PRO A 63 -7.58 -11.54 -6.18
CA PRO A 63 -6.87 -11.21 -7.42
C PRO A 63 -6.89 -12.24 -8.55
N ALA A 64 -6.70 -13.52 -8.22
CA ALA A 64 -6.60 -14.57 -9.23
C ALA A 64 -7.86 -15.06 -9.91
N ILE A 65 -8.74 -14.13 -10.28
CA ILE A 65 -9.99 -14.51 -10.90
C ILE A 65 -9.77 -15.16 -12.26
N CYS A 66 -8.68 -14.81 -12.93
CA CYS A 66 -8.39 -15.38 -14.25
C CYS A 66 -7.63 -16.68 -14.07
N GLY A 67 -7.37 -17.03 -12.82
CA GLY A 67 -6.61 -18.22 -12.55
C GLY A 67 -5.22 -17.75 -12.18
N HIS A 68 -4.50 -18.54 -11.40
CA HIS A 68 -3.14 -18.19 -11.01
C HIS A 68 -2.19 -18.22 -12.20
N ALA A 69 -1.17 -17.37 -12.15
CA ALA A 69 -0.15 -17.30 -13.18
C ALA A 69 -0.70 -17.43 -14.60
N HIS A 70 -1.72 -16.65 -14.91
CA HIS A 70 -2.29 -16.73 -16.24
C HIS A 70 -1.21 -16.39 -17.25
N PRO A 71 -0.97 -17.29 -18.21
CA PRO A 71 0.03 -17.16 -19.28
C PRO A 71 0.12 -15.79 -19.92
N GLU A 72 -1.02 -15.22 -20.31
CA GLU A 72 -1.02 -13.92 -20.96
C GLU A 72 -0.63 -12.81 -20.01
N VAL A 73 -0.90 -12.99 -18.72
CA VAL A 73 -0.55 -11.96 -17.76
C VAL A 73 0.96 -12.00 -17.47
N ILE A 74 1.50 -13.20 -17.26
CA ILE A 74 2.93 -13.29 -16.98
C ILE A 74 3.75 -12.90 -18.21
N GLU A 75 3.26 -13.19 -19.40
CA GLU A 75 4.01 -12.82 -20.58
C GLU A 75 4.03 -11.30 -20.69
N ALA A 76 2.89 -10.68 -20.42
CA ALA A 76 2.79 -9.22 -20.48
C ALA A 76 3.75 -8.61 -19.47
N LEU A 77 3.84 -9.22 -18.29
CA LEU A 77 4.74 -8.73 -17.25
C LEU A 77 6.20 -8.91 -17.65
N LYS A 78 6.52 -10.07 -18.23
CA LYS A 78 7.88 -10.35 -18.66
C LYS A 78 8.34 -9.26 -19.62
N VAL A 79 7.49 -8.89 -20.56
CA VAL A 79 7.84 -7.87 -21.53
C VAL A 79 7.95 -6.48 -20.90
N ALA A 80 7.01 -6.13 -20.05
CA ALA A 80 7.01 -4.82 -19.43
C ALA A 80 8.20 -4.54 -18.52
N MET A 81 8.63 -5.53 -17.75
CA MET A 81 9.74 -5.28 -16.85
C MET A 81 11.06 -5.00 -17.53
N GLU A 82 11.16 -5.28 -18.82
CA GLU A 82 12.37 -5.01 -19.55
C GLU A 82 12.57 -3.50 -19.57
N LYS A 83 11.47 -2.77 -19.50
CA LYS A 83 11.49 -1.31 -19.53
C LYS A 83 11.62 -0.71 -18.14
N GLY A 84 11.75 -1.55 -17.13
CA GLY A 84 11.85 -1.04 -15.78
C GLY A 84 10.54 -1.29 -15.04
N THR A 85 10.62 -1.42 -13.73
CA THR A 85 9.42 -1.71 -12.95
C THR A 85 8.76 -0.51 -12.29
N SER A 86 9.47 0.60 -12.18
CA SER A 86 8.93 1.80 -11.55
C SER A 86 9.63 3.05 -12.12
N PHE A 87 8.83 4.06 -12.45
CA PHE A 87 9.37 5.28 -13.04
C PHE A 87 9.41 6.45 -12.08
N GLY A 88 8.36 6.61 -11.27
CA GLY A 88 8.32 7.72 -10.34
C GLY A 88 7.87 8.96 -11.11
N ALA A 89 7.39 8.70 -12.32
CA ALA A 89 6.90 9.74 -13.20
C ALA A 89 5.76 9.12 -13.97
N PRO A 90 4.92 9.94 -14.61
CA PRO A 90 3.79 9.41 -15.37
C PRO A 90 4.24 8.45 -16.46
N CYS A 91 3.38 7.49 -16.80
CA CYS A 91 3.67 6.56 -17.87
C CYS A 91 2.35 6.37 -18.60
N ALA A 92 2.41 6.06 -19.89
CA ALA A 92 1.20 5.87 -20.68
C ALA A 92 0.23 4.83 -20.12
N LEU A 93 0.78 3.78 -19.50
CA LEU A 93 -0.06 2.72 -18.96
C LEU A 93 -1.06 3.18 -17.90
N GLU A 94 -0.71 4.21 -17.15
CA GLU A 94 -1.64 4.71 -16.14
C GLU A 94 -2.90 5.20 -16.81
N ASN A 95 -2.73 5.86 -17.95
CA ASN A 95 -3.84 6.38 -18.71
C ASN A 95 -4.73 5.25 -19.20
N VAL A 96 -4.09 4.17 -19.69
CA VAL A 96 -4.83 3.02 -20.21
C VAL A 96 -5.71 2.35 -19.17
N LEU A 97 -5.11 1.95 -18.06
CA LEU A 97 -5.86 1.28 -17.01
C LEU A 97 -6.93 2.22 -16.44
N ALA A 98 -6.58 3.51 -16.29
CA ALA A 98 -7.51 4.49 -15.75
C ALA A 98 -8.75 4.54 -16.62
N GLU A 99 -8.55 4.59 -17.93
CA GLU A 99 -9.66 4.65 -18.86
C GLU A 99 -10.48 3.37 -18.74
N MET A 100 -9.81 2.23 -18.67
CA MET A 100 -10.51 0.95 -18.56
C MET A 100 -11.35 0.88 -17.30
N VAL A 101 -10.80 1.39 -16.20
CA VAL A 101 -11.52 1.38 -14.95
C VAL A 101 -12.72 2.33 -14.97
N ASN A 102 -12.56 3.51 -15.56
CA ASN A 102 -13.66 4.47 -15.64
C ASN A 102 -14.80 3.85 -16.44
N ASP A 103 -14.47 3.21 -17.55
CA ASP A 103 -15.49 2.58 -18.38
C ASP A 103 -16.20 1.42 -17.67
N ALA A 104 -15.44 0.66 -16.88
CA ALA A 104 -15.98 -0.50 -16.20
C ALA A 104 -16.85 -0.22 -14.98
N VAL A 105 -16.48 0.77 -14.19
CA VAL A 105 -17.23 1.06 -12.97
C VAL A 105 -18.12 2.28 -13.09
N PRO A 106 -19.44 2.07 -13.07
CA PRO A 106 -20.45 3.13 -13.17
C PRO A 106 -20.10 4.42 -12.41
N SER A 107 -19.97 4.31 -11.09
CA SER A 107 -19.67 5.46 -10.25
C SER A 107 -18.34 6.17 -10.52
N ILE A 108 -17.39 5.48 -11.10
CA ILE A 108 -16.08 6.08 -11.34
C ILE A 108 -15.94 6.93 -12.59
N GLU A 109 -15.69 8.22 -12.39
CA GLU A 109 -15.50 9.15 -13.51
C GLU A 109 -14.04 9.61 -13.53
N MET A 110 -13.39 9.51 -12.38
CA MET A 110 -11.99 9.89 -12.28
C MET A 110 -11.38 8.92 -11.28
N VAL A 111 -10.18 8.42 -11.57
CA VAL A 111 -9.52 7.46 -10.69
C VAL A 111 -8.15 7.86 -10.23
N ARG A 112 -7.79 7.39 -9.05
CA ARG A 112 -6.48 7.62 -8.50
C ARG A 112 -5.99 6.26 -8.09
N PHE A 113 -4.88 5.82 -8.66
CA PHE A 113 -4.34 4.52 -8.32
C PHE A 113 -3.51 4.64 -7.07
N VAL A 114 -3.54 3.59 -6.28
CA VAL A 114 -2.75 3.52 -5.06
C VAL A 114 -2.17 2.11 -5.04
N ASN A 115 -1.62 1.68 -3.91
CA ASN A 115 -1.00 0.36 -3.89
C ASN A 115 -1.72 -0.76 -3.18
N SER A 116 -2.87 -0.46 -2.58
CA SER A 116 -3.61 -1.50 -1.87
C SER A 116 -5.03 -1.05 -1.58
N GLY A 117 -5.85 -2.00 -1.16
CA GLY A 117 -7.23 -1.71 -0.83
C GLY A 117 -7.22 -0.81 0.37
N THR A 118 -6.29 -1.08 1.28
CA THR A 118 -6.17 -0.29 2.49
C THR A 118 -5.91 1.18 2.16
N GLU A 119 -4.99 1.45 1.24
CA GLU A 119 -4.70 2.83 0.87
C GLU A 119 -5.94 3.45 0.19
N ALA A 120 -6.62 2.68 -0.63
CA ALA A 120 -7.80 3.20 -1.32
C ALA A 120 -8.89 3.60 -0.33
N CYS A 121 -9.16 2.72 0.62
CA CYS A 121 -10.18 3.00 1.62
C CYS A 121 -9.78 4.18 2.49
N MET A 122 -8.52 4.20 2.87
CA MET A 122 -7.98 5.26 3.70
C MET A 122 -8.18 6.59 2.98
N ALA A 123 -7.83 6.62 1.69
CA ALA A 123 -7.95 7.84 0.92
C ALA A 123 -9.40 8.24 0.72
N VAL A 124 -10.27 7.28 0.42
CA VAL A 124 -11.67 7.57 0.20
C VAL A 124 -12.34 8.09 1.47
N LEU A 125 -11.87 7.63 2.62
CA LEU A 125 -12.42 8.06 3.88
C LEU A 125 -12.09 9.53 3.99
N ARG A 126 -10.87 9.88 3.59
CA ARG A 126 -10.44 11.25 3.69
C ARG A 126 -11.19 12.22 2.77
N ILE A 127 -11.49 11.85 1.51
CA ILE A 127 -12.23 12.83 0.71
C ILE A 127 -13.69 12.87 1.08
N MET A 128 -14.21 11.79 1.65
CA MET A 128 -15.60 11.78 2.07
C MET A 128 -15.77 12.98 3.01
N ARG A 129 -14.84 13.09 3.95
CA ARG A 129 -14.87 14.16 4.93
C ARG A 129 -14.46 15.48 4.32
N ALA A 130 -13.41 15.44 3.52
CA ALA A 130 -12.92 16.65 2.86
C ALA A 130 -14.04 17.26 2.02
N TYR A 131 -14.71 16.42 1.23
CA TYR A 131 -15.77 16.87 0.36
C TYR A 131 -17.06 17.38 1.04
N THR A 132 -17.50 16.67 2.09
CA THR A 132 -18.72 17.06 2.80
C THR A 132 -18.47 18.03 3.95
N GLY A 133 -17.23 18.09 4.43
CA GLY A 133 -16.92 18.95 5.55
C GLY A 133 -17.46 18.38 6.85
N ARG A 134 -17.79 17.09 6.84
CA ARG A 134 -18.30 16.41 8.03
C ARG A 134 -17.30 15.36 8.47
N ASP A 135 -17.31 15.01 9.76
CA ASP A 135 -16.34 14.05 10.28
C ASP A 135 -16.83 12.63 10.53
N LYS A 136 -18.12 12.45 10.75
CA LYS A 136 -18.65 11.13 11.05
C LYS A 136 -18.88 10.26 9.84
N ILE A 137 -18.54 8.98 10.00
CA ILE A 137 -18.68 7.98 8.96
C ILE A 137 -19.50 6.81 9.50
N ILE A 138 -20.31 6.21 8.63
CA ILE A 138 -21.09 5.05 9.01
C ILE A 138 -20.51 3.82 8.31
N LYS A 139 -20.14 2.81 9.09
CA LYS A 139 -19.62 1.55 8.55
C LYS A 139 -20.45 0.46 9.23
N PHE A 140 -20.50 -0.73 8.65
CA PHE A 140 -21.27 -1.81 9.24
C PHE A 140 -20.43 -2.85 9.93
N GLU A 141 -20.99 -3.44 10.98
CA GLU A 141 -20.32 -4.49 11.74
C GLU A 141 -20.03 -5.64 10.77
N GLY A 142 -18.83 -6.20 10.85
CA GLY A 142 -18.48 -7.30 9.97
C GLY A 142 -17.79 -6.88 8.69
N CYS A 143 -18.05 -5.65 8.25
CA CYS A 143 -17.41 -5.16 7.03
C CYS A 143 -15.95 -4.81 7.32
N TYR A 144 -15.09 -5.01 6.33
CA TYR A 144 -13.66 -4.70 6.47
C TYR A 144 -13.19 -3.80 5.34
N HIS A 145 -12.55 -2.68 5.68
CA HIS A 145 -12.08 -1.75 4.66
C HIS A 145 -10.61 -1.38 4.86
N GLY A 146 -9.80 -2.38 5.15
CA GLY A 146 -8.38 -2.13 5.37
C GLY A 146 -8.14 -1.78 6.82
N HIS A 147 -6.90 -1.51 7.19
CA HIS A 147 -6.61 -1.18 8.57
C HIS A 147 -6.41 0.30 8.90
N ALA A 148 -6.96 1.19 8.08
CA ALA A 148 -6.85 2.61 8.40
C ALA A 148 -7.56 2.70 9.75
N ASP A 149 -7.01 3.48 10.68
CA ASP A 149 -7.56 3.64 12.03
C ASP A 149 -9.08 3.75 12.13
N MET A 150 -9.67 4.69 11.41
CA MET A 150 -11.11 4.88 11.44
C MET A 150 -11.92 3.63 11.15
N PHE A 151 -11.33 2.70 10.41
CA PHE A 151 -12.05 1.48 10.06
C PHE A 151 -11.95 0.34 11.05
N LEU A 152 -11.04 0.44 12.01
CA LEU A 152 -10.89 -0.62 12.99
C LEU A 152 -11.96 -0.61 14.07
N VAL A 153 -13.22 -0.67 13.65
CA VAL A 153 -14.35 -0.68 14.56
C VAL A 153 -15.35 -1.73 14.06
N LYS A 154 -15.54 -2.79 14.83
CA LYS A 154 -16.45 -3.87 14.42
C LYS A 154 -16.00 -4.40 13.06
N ALA A 155 -14.68 -4.46 12.89
CA ALA A 155 -14.10 -4.93 11.64
C ALA A 155 -14.29 -6.43 11.43
N GLY A 156 -14.43 -6.82 10.17
CA GLY A 156 -14.59 -8.22 9.86
C GLY A 156 -13.23 -8.83 9.54
N SER A 157 -13.20 -9.63 8.47
CA SER A 157 -11.97 -10.27 8.03
C SER A 157 -11.18 -10.87 9.18
N GLY A 158 -9.89 -10.60 9.22
CA GLY A 158 -9.02 -11.13 10.26
C GLY A 158 -9.41 -10.78 11.68
N VAL A 159 -9.96 -9.59 11.90
CA VAL A 159 -10.35 -9.18 13.24
C VAL A 159 -11.41 -10.16 13.75
N ALA A 160 -12.43 -10.37 12.93
CA ALA A 160 -13.53 -11.28 13.26
C ALA A 160 -13.02 -12.71 13.46
N THR A 161 -12.35 -13.23 12.44
CA THR A 161 -11.80 -14.58 12.48
C THR A 161 -10.96 -14.82 13.73
N LEU A 162 -10.17 -13.82 14.10
CA LEU A 162 -9.32 -13.94 15.28
C LEU A 162 -10.07 -13.57 16.56
N GLY A 163 -11.34 -13.21 16.42
CA GLY A 163 -12.13 -12.83 17.58
C GLY A 163 -11.45 -11.68 18.30
N LEU A 164 -10.90 -10.77 17.50
CA LEU A 164 -10.20 -9.61 18.04
C LEU A 164 -11.17 -8.46 18.27
N PRO A 165 -10.91 -7.64 19.30
CA PRO A 165 -11.81 -6.51 19.57
C PRO A 165 -11.37 -5.39 18.64
N SER A 166 -11.95 -4.21 18.79
CA SER A 166 -11.52 -3.10 17.95
C SER A 166 -10.07 -2.85 18.34
N SER A 167 -9.19 -2.94 17.35
CA SER A 167 -7.76 -2.77 17.54
C SER A 167 -7.32 -1.60 18.41
N PRO A 168 -6.32 -1.82 19.26
CA PRO A 168 -5.81 -0.75 20.12
C PRO A 168 -4.86 0.11 19.26
N GLY A 169 -4.30 1.16 19.84
CA GLY A 169 -3.38 2.00 19.09
C GLY A 169 -4.08 3.09 18.30
N VAL A 170 -5.40 3.02 18.22
CA VAL A 170 -6.15 4.03 17.50
C VAL A 170 -6.84 4.96 18.51
N PRO A 171 -6.43 6.24 18.54
CA PRO A 171 -6.98 7.26 19.44
C PRO A 171 -8.50 7.24 19.51
N LYS A 172 -9.03 7.30 20.73
CA LYS A 172 -10.47 7.31 20.94
C LYS A 172 -11.06 8.49 20.18
N LYS A 173 -10.29 9.56 20.12
CA LYS A 173 -10.70 10.78 19.42
C LYS A 173 -11.04 10.49 17.97
N THR A 174 -10.33 9.55 17.36
CA THR A 174 -10.55 9.22 15.96
C THR A 174 -11.66 8.18 15.74
N THR A 175 -11.72 7.17 16.60
CA THR A 175 -12.73 6.14 16.46
C THR A 175 -14.12 6.70 16.75
N ALA A 176 -14.16 7.75 17.58
CA ALA A 176 -15.42 8.39 17.94
C ALA A 176 -16.23 8.84 16.73
N ASN A 177 -15.55 9.11 15.61
CA ASN A 177 -16.24 9.56 14.42
C ASN A 177 -16.70 8.44 13.52
N THR A 178 -16.53 7.21 13.99
CA THR A 178 -16.98 6.09 13.19
C THR A 178 -18.26 5.56 13.82
N LEU A 179 -19.35 5.67 13.07
CA LEU A 179 -20.64 5.19 13.52
C LEU A 179 -20.88 3.84 12.89
N THR A 180 -21.27 2.86 13.71
CA THR A 180 -21.50 1.51 13.22
C THR A 180 -22.96 1.11 13.31
N THR A 181 -23.36 0.21 12.42
CA THR A 181 -24.72 -0.28 12.39
C THR A 181 -24.71 -1.68 11.80
N PRO A 182 -25.63 -2.56 12.22
CA PRO A 182 -25.62 -3.91 11.66
C PRO A 182 -25.91 -3.85 10.17
N TYR A 183 -25.31 -4.75 9.42
CA TYR A 183 -25.49 -4.82 7.97
C TYR A 183 -26.93 -5.20 7.70
N ASN A 184 -27.48 -4.71 6.58
CA ASN A 184 -28.86 -4.99 6.20
C ASN A 184 -29.89 -4.35 7.11
N ASP A 185 -29.42 -3.53 8.05
CA ASP A 185 -30.32 -2.87 8.99
C ASP A 185 -30.52 -1.40 8.58
N LEU A 186 -31.45 -1.16 7.67
CA LEU A 186 -31.70 0.20 7.21
C LEU A 186 -32.19 1.11 8.32
N GLU A 187 -32.98 0.55 9.23
CA GLU A 187 -33.52 1.32 10.33
C GLU A 187 -32.43 1.85 11.24
N ALA A 188 -31.44 1.03 11.52
CA ALA A 188 -30.34 1.45 12.38
C ALA A 188 -29.64 2.63 11.73
N VAL A 189 -29.49 2.56 10.42
CA VAL A 189 -28.82 3.64 9.70
C VAL A 189 -29.62 4.93 9.77
N LYS A 190 -30.91 4.86 9.48
CA LYS A 190 -31.75 6.05 9.55
C LYS A 190 -31.69 6.66 10.94
N ALA A 191 -31.62 5.81 11.96
CA ALA A 191 -31.54 6.27 13.35
C ALA A 191 -30.23 7.03 13.57
N LEU A 192 -29.16 6.57 12.93
CA LEU A 192 -27.86 7.22 13.07
C LEU A 192 -27.87 8.63 12.49
N PHE A 193 -28.50 8.80 11.33
CA PHE A 193 -28.59 10.13 10.75
C PHE A 193 -29.46 11.00 11.65
N ALA A 194 -30.61 10.46 12.03
CA ALA A 194 -31.54 11.17 12.89
C ALA A 194 -30.84 11.69 14.14
N GLU A 195 -29.91 10.90 14.66
CA GLU A 195 -29.18 11.27 15.87
C GLU A 195 -27.97 12.15 15.64
N ASN A 196 -27.56 12.31 14.38
CA ASN A 196 -26.38 13.13 14.08
C ASN A 196 -26.62 14.05 12.90
N PRO A 197 -27.66 14.89 12.98
CA PRO A 197 -27.96 15.80 11.89
C PRO A 197 -26.77 16.63 11.43
N GLY A 198 -26.55 16.67 10.13
CA GLY A 198 -25.45 17.44 9.57
C GLY A 198 -24.06 17.06 10.03
N GLU A 199 -23.86 15.82 10.44
CA GLU A 199 -22.54 15.38 10.90
C GLU A 199 -22.02 14.16 10.14
N ILE A 200 -22.89 13.50 9.40
CA ILE A 200 -22.48 12.31 8.66
C ILE A 200 -21.95 12.64 7.28
N ALA A 201 -20.69 12.28 7.05
CA ALA A 201 -20.06 12.52 5.76
C ALA A 201 -20.60 11.50 4.77
N GLY A 202 -20.87 10.29 5.26
CA GLY A 202 -21.39 9.26 4.39
C GLY A 202 -21.36 7.86 4.97
N VAL A 203 -21.77 6.90 4.16
CA VAL A 203 -21.80 5.50 4.55
C VAL A 203 -20.89 4.72 3.62
N ILE A 204 -20.05 3.87 4.20
CA ILE A 204 -19.15 3.06 3.40
C ILE A 204 -19.51 1.62 3.73
N LEU A 205 -19.53 0.76 2.72
CA LEU A 205 -19.85 -0.65 2.98
C LEU A 205 -19.44 -1.55 1.84
N GLU A 206 -19.41 -2.85 2.12
CA GLU A 206 -19.10 -3.84 1.11
C GLU A 206 -20.47 -4.07 0.50
N PRO A 207 -20.64 -3.73 -0.78
CA PRO A 207 -21.93 -3.90 -1.48
C PRO A 207 -22.44 -5.32 -1.24
N ILE A 208 -21.51 -6.27 -1.22
CA ILE A 208 -21.82 -7.66 -0.92
C ILE A 208 -20.68 -7.96 0.03
N VAL A 209 -21.03 -8.40 1.24
CA VAL A 209 -20.02 -8.69 2.25
C VAL A 209 -19.26 -9.97 1.96
N GLY A 210 -17.96 -9.92 2.22
CA GLY A 210 -17.12 -11.08 2.02
C GLY A 210 -16.22 -11.29 3.22
N ASN A 211 -16.20 -10.32 4.13
CA ASN A 211 -15.35 -10.39 5.30
C ASN A 211 -16.01 -10.76 6.63
N SER A 212 -17.24 -11.27 6.56
CA SER A 212 -17.94 -11.75 7.74
C SER A 212 -18.68 -12.93 7.14
N GLY A 213 -17.98 -13.61 6.25
CA GLY A 213 -18.56 -14.73 5.55
C GLY A 213 -19.25 -14.07 4.36
N PHE A 214 -19.86 -14.87 3.51
CA PHE A 214 -20.54 -14.33 2.35
C PHE A 214 -21.93 -13.84 2.74
N ILE A 215 -22.18 -12.54 2.60
CA ILE A 215 -23.49 -11.99 2.94
C ILE A 215 -23.98 -11.02 1.87
N VAL A 216 -25.12 -11.35 1.28
CA VAL A 216 -25.74 -10.54 0.25
C VAL A 216 -26.70 -9.54 0.91
N PRO A 217 -26.89 -8.36 0.29
CA PRO A 217 -27.80 -7.40 0.90
C PRO A 217 -29.25 -7.79 0.67
N ASP A 218 -30.09 -7.56 1.69
CA ASP A 218 -31.51 -7.87 1.57
C ASP A 218 -32.11 -6.93 0.55
N ALA A 219 -33.24 -7.31 0.00
CA ALA A 219 -33.91 -6.47 -0.98
C ALA A 219 -34.11 -5.09 -0.38
N GLY A 220 -33.83 -4.06 -1.18
CA GLY A 220 -34.00 -2.70 -0.73
C GLY A 220 -32.93 -2.12 0.19
N PHE A 221 -31.98 -2.93 0.65
CA PHE A 221 -30.95 -2.41 1.53
C PHE A 221 -30.05 -1.37 0.86
N LEU A 222 -29.41 -1.76 -0.24
CA LEU A 222 -28.52 -0.85 -0.96
C LEU A 222 -29.30 0.37 -1.44
N GLU A 223 -30.48 0.15 -2.00
CA GLU A 223 -31.31 1.25 -2.49
C GLU A 223 -31.64 2.18 -1.33
N GLY A 224 -32.00 1.60 -0.19
CA GLY A 224 -32.33 2.42 0.96
C GLY A 224 -31.15 3.28 1.35
N LEU A 225 -29.97 2.67 1.41
CA LEU A 225 -28.77 3.40 1.78
C LEU A 225 -28.54 4.53 0.78
N ARG A 226 -28.75 4.27 -0.49
CA ARG A 226 -28.55 5.30 -1.49
C ARG A 226 -29.51 6.44 -1.24
N GLU A 227 -30.77 6.12 -1.01
CA GLU A 227 -31.78 7.14 -0.77
C GLU A 227 -31.51 7.98 0.46
N ILE A 228 -31.22 7.35 1.59
CA ILE A 228 -30.97 8.12 2.81
C ILE A 228 -29.76 9.03 2.65
N THR A 229 -28.68 8.54 2.03
CA THR A 229 -27.49 9.38 1.86
C THR A 229 -27.85 10.62 1.05
N LEU A 230 -28.56 10.41 -0.06
CA LEU A 230 -28.95 11.55 -0.89
C LEU A 230 -29.76 12.54 -0.05
N GLU A 231 -30.64 12.00 0.78
CA GLU A 231 -31.49 12.83 1.62
C GLU A 231 -30.74 13.76 2.56
N HIS A 232 -29.65 13.28 3.14
CA HIS A 232 -28.88 14.09 4.07
C HIS A 232 -27.58 14.62 3.48
N ASP A 233 -27.51 14.67 2.15
CA ASP A 233 -26.31 15.14 1.48
C ASP A 233 -25.07 14.42 2.00
N ALA A 234 -25.17 13.10 2.13
CA ALA A 234 -24.04 12.30 2.59
C ALA A 234 -23.61 11.44 1.41
N LEU A 235 -22.38 10.98 1.44
CA LEU A 235 -21.85 10.14 0.37
C LEU A 235 -22.10 8.67 0.60
N LEU A 236 -22.33 7.92 -0.47
CA LEU A 236 -22.51 6.49 -0.40
C LEU A 236 -21.25 5.92 -1.02
N VAL A 237 -20.44 5.24 -0.22
CA VAL A 237 -19.20 4.69 -0.73
C VAL A 237 -19.23 3.17 -0.75
N PHE A 238 -18.97 2.62 -1.92
CA PHE A 238 -18.91 1.18 -2.08
C PHE A 238 -17.47 0.70 -2.05
N ASP A 239 -17.17 -0.17 -1.09
CA ASP A 239 -15.83 -0.73 -1.03
C ASP A 239 -15.93 -1.99 -1.87
N GLU A 240 -15.47 -1.91 -3.11
CA GLU A 240 -15.52 -3.06 -4.01
C GLU A 240 -14.13 -3.66 -4.24
N VAL A 241 -13.27 -3.49 -3.25
CA VAL A 241 -11.94 -4.04 -3.34
C VAL A 241 -12.06 -5.53 -3.64
N MET A 242 -13.02 -6.18 -2.99
CA MET A 242 -13.21 -7.62 -3.17
C MET A 242 -14.23 -7.97 -4.24
N THR A 243 -15.32 -7.23 -4.29
CA THR A 243 -16.39 -7.50 -5.24
C THR A 243 -16.11 -6.96 -6.62
N GLY A 244 -15.30 -5.91 -6.70
CA GLY A 244 -14.99 -5.31 -7.98
C GLY A 244 -14.40 -6.28 -8.99
N PHE A 245 -15.00 -6.31 -10.18
CA PHE A 245 -14.57 -7.16 -11.28
C PHE A 245 -14.79 -8.64 -11.03
N ARG A 246 -15.39 -8.97 -9.89
CA ARG A 246 -15.67 -10.38 -9.56
C ARG A 246 -17.15 -10.67 -9.66
N ILE A 247 -17.95 -9.87 -8.95
CA ILE A 247 -19.40 -10.03 -8.98
C ILE A 247 -19.88 -9.70 -10.37
N ALA A 248 -19.20 -8.75 -11.00
CA ALA A 248 -19.52 -8.31 -12.35
C ALA A 248 -18.38 -7.42 -12.79
N TYR A 249 -18.25 -7.19 -14.10
CA TYR A 249 -17.18 -6.34 -14.59
C TYR A 249 -17.27 -4.98 -13.88
N GLY A 250 -18.50 -4.49 -13.72
CA GLY A 250 -18.70 -3.22 -13.05
C GLY A 250 -18.99 -3.37 -11.56
N GLY A 251 -18.73 -4.56 -11.02
CA GLY A 251 -18.95 -4.79 -9.61
C GLY A 251 -20.41 -4.92 -9.18
N VAL A 252 -20.61 -4.93 -7.86
CA VAL A 252 -21.96 -5.05 -7.32
C VAL A 252 -22.82 -3.87 -7.77
N GLN A 253 -22.23 -2.67 -7.80
CA GLN A 253 -22.99 -1.49 -8.20
C GLN A 253 -23.60 -1.68 -9.57
N GLU A 254 -22.87 -2.34 -10.46
CA GLU A 254 -23.36 -2.59 -11.80
C GLU A 254 -24.44 -3.68 -11.72
N LYS A 255 -24.08 -4.80 -11.11
CA LYS A 255 -24.96 -5.94 -10.98
C LYS A 255 -26.33 -5.62 -10.37
N PHE A 256 -26.30 -4.99 -9.20
CA PHE A 256 -27.53 -4.66 -8.49
C PHE A 256 -28.10 -3.28 -8.81
N GLY A 257 -27.49 -2.61 -9.78
CA GLY A 257 -27.97 -1.31 -10.20
C GLY A 257 -27.98 -0.15 -9.23
N VAL A 258 -27.10 -0.14 -8.24
CA VAL A 258 -27.07 0.98 -7.31
C VAL A 258 -25.72 1.68 -7.46
N THR A 259 -25.76 2.97 -7.80
CA THR A 259 -24.56 3.75 -8.01
C THR A 259 -24.10 4.60 -6.83
N PRO A 260 -22.94 4.27 -6.25
CA PRO A 260 -22.41 5.03 -5.11
C PRO A 260 -21.75 6.30 -5.62
N ASP A 261 -21.24 7.12 -4.71
CA ASP A 261 -20.58 8.36 -5.10
C ASP A 261 -19.07 8.14 -5.25
N LEU A 262 -18.55 7.17 -4.50
CA LEU A 262 -17.14 6.85 -4.52
C LEU A 262 -17.02 5.34 -4.42
N THR A 263 -15.99 4.79 -5.03
CA THR A 263 -15.77 3.35 -5.02
C THR A 263 -14.29 3.04 -4.81
N THR A 264 -14.02 2.03 -3.99
CA THR A 264 -12.63 1.62 -3.77
C THR A 264 -12.46 0.30 -4.49
N LEU A 265 -11.31 0.12 -5.11
CA LEU A 265 -11.00 -1.08 -5.86
C LEU A 265 -9.65 -1.62 -5.44
N GLY A 266 -9.41 -2.90 -5.70
CA GLY A 266 -8.15 -3.51 -5.36
C GLY A 266 -8.11 -4.92 -5.89
N LYS A 267 -7.24 -5.72 -5.30
CA LYS A 267 -7.09 -7.11 -5.69
C LYS A 267 -7.04 -7.37 -7.19
N ILE A 268 -8.19 -7.73 -7.78
CA ILE A 268 -8.23 -8.03 -9.20
C ILE A 268 -7.63 -6.95 -10.09
N ILE A 269 -7.85 -5.69 -9.74
CA ILE A 269 -7.33 -4.59 -10.55
C ILE A 269 -5.80 -4.65 -10.65
N GLY A 270 -5.16 -5.33 -9.71
CA GLY A 270 -3.72 -5.45 -9.73
C GLY A 270 -3.25 -6.71 -10.43
N GLY A 271 -4.20 -7.56 -10.81
CA GLY A 271 -3.86 -8.79 -11.50
C GLY A 271 -2.83 -9.66 -10.82
N GLY A 272 -2.63 -9.48 -9.53
CA GLY A 272 -1.64 -10.29 -8.84
C GLY A 272 -0.56 -9.46 -8.20
N LEU A 273 -0.50 -8.18 -8.55
CA LEU A 273 0.48 -7.26 -7.98
C LEU A 273 -0.24 -6.29 -7.04
N PRO A 274 0.50 -5.61 -6.15
CA PRO A 274 -0.11 -4.67 -5.22
C PRO A 274 -0.68 -3.45 -5.94
N VAL A 275 -2.00 -3.36 -6.02
CA VAL A 275 -2.64 -2.24 -6.66
C VAL A 275 -3.96 -1.95 -5.98
N GLY A 276 -4.28 -0.69 -5.87
CA GLY A 276 -5.54 -0.29 -5.27
C GLY A 276 -5.96 0.90 -6.08
N ALA A 277 -7.19 1.34 -5.89
CA ALA A 277 -7.68 2.50 -6.61
C ALA A 277 -8.96 3.01 -5.97
N TYR A 278 -9.18 4.31 -6.06
CA TYR A 278 -10.40 4.90 -5.55
C TYR A 278 -10.82 5.95 -6.56
N GLY A 279 -12.10 5.98 -6.87
CA GLY A 279 -12.62 6.92 -7.83
C GLY A 279 -14.09 7.13 -7.57
N GLY A 280 -14.68 8.07 -8.28
CA GLY A 280 -16.09 8.36 -8.10
C GLY A 280 -16.43 9.60 -8.90
N LYS A 281 -17.45 10.33 -8.47
CA LYS A 281 -17.84 11.55 -9.16
C LYS A 281 -16.65 12.48 -9.30
N ARG A 282 -16.54 13.10 -10.46
CA ARG A 282 -15.45 14.01 -10.77
C ARG A 282 -15.36 15.15 -9.75
N GLU A 283 -16.50 15.76 -9.44
CA GLU A 283 -16.50 16.88 -8.50
C GLU A 283 -15.89 16.49 -7.17
N ILE A 284 -16.04 15.23 -6.78
CA ILE A 284 -15.45 14.81 -5.51
C ILE A 284 -13.96 14.56 -5.70
N MET A 285 -13.60 13.80 -6.74
CA MET A 285 -12.21 13.47 -7.03
C MET A 285 -11.33 14.70 -7.26
N GLN A 286 -11.96 15.83 -7.61
CA GLN A 286 -11.23 17.06 -7.88
C GLN A 286 -10.50 17.62 -6.67
N LEU A 287 -10.90 17.18 -5.48
CA LEU A 287 -10.26 17.65 -4.26
C LEU A 287 -8.92 16.94 -3.99
N VAL A 288 -8.67 15.87 -4.74
CA VAL A 288 -7.43 15.10 -4.58
C VAL A 288 -6.23 15.82 -5.19
N ALA A 289 -5.15 15.94 -4.41
CA ALA A 289 -3.95 16.61 -4.90
C ALA A 289 -3.39 15.82 -6.09
N PRO A 290 -2.72 16.51 -7.01
CA PRO A 290 -2.47 17.95 -7.02
C PRO A 290 -3.62 18.80 -7.58
N ALA A 291 -4.72 18.13 -7.94
CA ALA A 291 -5.89 18.82 -8.47
C ALA A 291 -6.56 19.66 -7.37
N GLY A 292 -6.64 19.08 -6.16
CA GLY A 292 -7.26 19.77 -5.04
C GLY A 292 -6.38 19.77 -3.82
N PRO A 293 -6.89 20.25 -2.67
CA PRO A 293 -6.16 20.33 -1.40
C PRO A 293 -5.94 19.04 -0.61
N MET A 294 -6.77 18.02 -0.83
CA MET A 294 -6.56 16.79 -0.08
C MET A 294 -5.35 16.03 -0.56
N TYR A 295 -4.33 15.98 0.26
CA TYR A 295 -3.09 15.29 -0.09
C TYR A 295 -3.17 13.78 0.06
N GLN A 296 -2.68 13.10 -0.96
CA GLN A 296 -2.62 11.65 -0.99
C GLN A 296 -1.58 11.36 -2.06
N ALA A 297 -0.54 10.62 -1.69
CA ALA A 297 0.52 10.30 -2.62
C ALA A 297 0.96 8.84 -2.49
N GLY A 298 1.84 8.41 -3.38
CA GLY A 298 2.33 7.06 -3.35
C GLY A 298 3.51 6.90 -4.29
N THR A 299 4.65 6.54 -3.76
CA THR A 299 5.87 6.37 -4.55
C THR A 299 5.67 5.42 -5.72
N LEU A 300 5.16 4.23 -5.43
CA LEU A 300 4.95 3.23 -6.45
C LEU A 300 3.59 3.23 -7.12
N SER A 301 2.75 4.20 -6.77
CA SER A 301 1.43 4.26 -7.36
C SER A 301 1.50 4.43 -8.86
N GLY A 302 0.70 3.63 -9.57
CA GLY A 302 0.68 3.72 -11.01
C GLY A 302 1.94 3.20 -11.69
N ASN A 303 2.73 2.38 -10.97
CA ASN A 303 3.95 1.86 -11.58
C ASN A 303 3.57 0.98 -12.77
N PRO A 304 4.40 1.00 -13.83
CA PRO A 304 4.17 0.22 -15.06
C PRO A 304 3.86 -1.27 -14.95
N LEU A 305 4.43 -1.97 -13.99
CA LEU A 305 4.15 -3.39 -13.85
C LEU A 305 2.72 -3.64 -13.40
N ALA A 306 2.32 -2.95 -12.34
CA ALA A 306 0.98 -3.08 -11.80
C ALA A 306 -0.03 -2.74 -12.87
N MET A 307 0.20 -1.63 -13.56
CA MET A 307 -0.69 -1.19 -14.62
C MET A 307 -0.81 -2.27 -15.69
N THR A 308 0.32 -2.86 -16.06
CA THR A 308 0.34 -3.90 -17.08
C THR A 308 -0.51 -5.09 -16.65
N ALA A 309 -0.30 -5.53 -15.42
CA ALA A 309 -1.03 -6.67 -14.89
C ALA A 309 -2.52 -6.39 -14.83
N GLY A 310 -2.86 -5.19 -14.38
CA GLY A 310 -4.26 -4.82 -14.27
C GLY A 310 -4.92 -4.77 -15.63
N ILE A 311 -4.23 -4.18 -16.60
CA ILE A 311 -4.75 -4.07 -17.94
C ILE A 311 -5.02 -5.43 -18.55
N LYS A 312 -4.01 -6.30 -18.49
CA LYS A 312 -4.17 -7.62 -19.07
C LYS A 312 -5.31 -8.39 -18.39
N THR A 313 -5.38 -8.26 -17.08
CA THR A 313 -6.43 -8.95 -16.33
C THR A 313 -7.82 -8.48 -16.75
N LEU A 314 -8.00 -7.17 -16.84
CA LEU A 314 -9.29 -6.63 -17.25
C LEU A 314 -9.63 -7.05 -18.68
N GLU A 315 -8.63 -7.10 -19.55
CA GLU A 315 -8.88 -7.49 -20.92
C GLU A 315 -9.39 -8.93 -20.97
N LEU A 316 -8.85 -9.80 -20.14
CA LEU A 316 -9.29 -11.19 -20.12
C LEU A 316 -10.72 -11.29 -19.59
N LEU A 317 -11.06 -10.44 -18.62
CA LEU A 317 -12.39 -10.45 -18.05
C LEU A 317 -13.44 -9.95 -19.03
N ARG A 318 -13.03 -9.14 -19.99
CA ARG A 318 -13.94 -8.59 -20.98
C ARG A 318 -14.31 -9.62 -22.05
N GLN A 319 -13.63 -10.75 -22.06
CA GLN A 319 -13.93 -11.80 -23.03
C GLN A 319 -15.34 -12.34 -22.80
N PRO A 320 -15.97 -12.85 -23.86
CA PRO A 320 -17.33 -13.41 -23.80
C PRO A 320 -17.54 -14.53 -22.78
N GLY A 321 -18.69 -14.50 -22.12
CA GLY A 321 -19.05 -15.53 -21.16
C GLY A 321 -18.21 -15.68 -19.90
N THR A 322 -17.41 -14.67 -19.59
CA THR A 322 -16.57 -14.72 -18.40
C THR A 322 -17.38 -14.91 -17.12
N TYR A 323 -18.28 -13.97 -16.86
CA TYR A 323 -19.09 -14.04 -15.66
C TYR A 323 -20.15 -15.14 -15.69
N GLU A 324 -20.62 -15.51 -16.88
CA GLU A 324 -21.59 -16.59 -16.98
C GLU A 324 -20.91 -17.85 -16.49
N TYR A 325 -19.70 -18.06 -16.94
CA TYR A 325 -18.95 -19.24 -16.53
C TYR A 325 -18.73 -19.26 -15.02
N LEU A 326 -18.34 -18.12 -14.46
CA LEU A 326 -18.10 -18.03 -13.03
C LEU A 326 -19.36 -18.36 -12.26
N ASP A 327 -20.49 -17.81 -12.70
CA ASP A 327 -21.75 -18.06 -12.01
C ASP A 327 -22.11 -19.54 -12.12
N GLN A 328 -21.99 -20.08 -13.32
CA GLN A 328 -22.30 -21.48 -13.57
C GLN A 328 -21.54 -22.44 -12.65
N ILE A 329 -20.21 -22.41 -12.70
CA ILE A 329 -19.44 -23.32 -11.88
C ILE A 329 -19.54 -23.08 -10.38
N THR A 330 -19.81 -21.83 -9.99
CA THR A 330 -19.90 -21.51 -8.58
C THR A 330 -21.25 -21.89 -7.98
N LYS A 331 -22.31 -21.77 -8.76
CA LYS A 331 -23.64 -22.15 -8.28
C LYS A 331 -23.58 -23.66 -8.05
N ARG A 332 -23.02 -24.37 -9.03
CA ARG A 332 -22.86 -25.81 -8.98
C ARG A 332 -22.15 -26.18 -7.68
N LEU A 333 -21.06 -25.46 -7.40
CA LEU A 333 -20.27 -25.70 -6.19
C LEU A 333 -21.10 -25.37 -4.96
N SER A 334 -21.67 -24.17 -4.92
CA SER A 334 -22.47 -23.74 -3.79
C SER A 334 -23.63 -24.69 -3.48
N ASP A 335 -24.45 -24.98 -4.50
CA ASP A 335 -25.59 -25.88 -4.32
C ASP A 335 -25.12 -27.27 -3.90
N GLY A 336 -24.09 -27.75 -4.58
CA GLY A 336 -23.54 -29.07 -4.28
C GLY A 336 -23.14 -29.20 -2.83
N LEU A 337 -22.43 -28.20 -2.33
CA LEU A 337 -21.97 -28.19 -0.96
C LEU A 337 -23.17 -28.26 -0.01
N LEU A 338 -24.19 -27.46 -0.30
CA LEU A 338 -25.40 -27.42 0.53
C LEU A 338 -26.16 -28.74 0.49
N ALA A 339 -26.26 -29.35 -0.68
CA ALA A 339 -26.95 -30.63 -0.81
C ALA A 339 -26.22 -31.67 0.05
N ILE A 340 -24.91 -31.70 -0.06
CA ILE A 340 -24.11 -32.63 0.71
C ILE A 340 -24.30 -32.39 2.19
N ALA A 341 -24.42 -31.14 2.59
CA ALA A 341 -24.60 -30.81 4.00
C ALA A 341 -25.95 -31.37 4.45
N GLN A 342 -26.98 -31.15 3.63
CA GLN A 342 -28.32 -31.63 3.91
C GLN A 342 -28.25 -33.15 4.05
N GLU A 343 -27.75 -33.78 2.99
CA GLU A 343 -27.60 -35.22 2.91
C GLU A 343 -26.84 -35.82 4.09
N THR A 344 -25.81 -35.14 4.55
CA THR A 344 -25.00 -35.65 5.66
C THR A 344 -25.53 -35.24 7.02
N GLY A 345 -26.65 -34.53 7.04
CA GLY A 345 -27.24 -34.11 8.30
C GLY A 345 -26.62 -32.91 9.00
N HIS A 346 -25.94 -32.06 8.26
CA HIS A 346 -25.33 -30.88 8.89
C HIS A 346 -26.09 -29.62 8.54
N ALA A 347 -26.41 -28.84 9.57
CA ALA A 347 -27.12 -27.59 9.35
C ALA A 347 -26.18 -26.68 8.58
N ALA A 348 -26.67 -26.08 7.51
CA ALA A 348 -25.83 -25.20 6.73
C ALA A 348 -26.63 -24.29 5.84
N CYS A 349 -25.99 -23.19 5.45
CA CYS A 349 -26.60 -22.24 4.55
C CYS A 349 -25.47 -21.53 3.85
N GLY A 350 -25.80 -20.85 2.77
CA GLY A 350 -24.79 -20.16 2.03
C GLY A 350 -25.41 -19.68 0.75
N GLY A 351 -24.56 -19.23 -0.15
CA GLY A 351 -25.04 -18.74 -1.42
C GLY A 351 -23.85 -18.29 -2.22
N GLN A 352 -24.11 -17.88 -3.45
CA GLN A 352 -23.06 -17.43 -4.32
C GLN A 352 -23.65 -16.46 -5.29
N VAL A 353 -22.80 -15.55 -5.75
CA VAL A 353 -23.16 -14.56 -6.75
C VAL A 353 -21.87 -14.53 -7.56
N SER A 354 -21.95 -14.93 -8.81
CA SER A 354 -20.78 -14.95 -9.67
C SER A 354 -19.70 -15.81 -9.00
N GLY A 355 -18.44 -15.49 -9.24
CA GLY A 355 -17.36 -16.27 -8.67
C GLY A 355 -17.06 -16.01 -7.21
N MET A 356 -18.10 -15.77 -6.42
CA MET A 356 -17.91 -15.51 -5.00
C MET A 356 -18.99 -16.32 -4.27
N PHE A 357 -18.58 -17.07 -3.26
CA PHE A 357 -19.56 -17.88 -2.54
C PHE A 357 -19.26 -17.93 -1.06
N GLY A 358 -20.22 -18.44 -0.32
CA GLY A 358 -20.07 -18.57 1.12
C GLY A 358 -20.79 -19.83 1.58
N PHE A 359 -20.29 -20.41 2.66
CA PHE A 359 -20.88 -21.63 3.19
C PHE A 359 -20.73 -21.56 4.71
N PHE A 360 -21.85 -21.52 5.43
CA PHE A 360 -21.80 -21.44 6.89
C PHE A 360 -22.35 -22.70 7.54
N PHE A 361 -21.76 -23.08 8.67
CA PHE A 361 -22.26 -24.23 9.39
C PHE A 361 -23.26 -23.73 10.44
N THR A 362 -24.41 -23.32 9.93
CA THR A 362 -25.52 -22.83 10.73
C THR A 362 -26.72 -22.82 9.78
N GLU A 363 -27.90 -23.13 10.30
CA GLU A 363 -29.08 -23.15 9.45
C GLU A 363 -29.40 -21.78 8.91
N GLY A 364 -28.96 -20.75 9.64
CA GLY A 364 -29.20 -19.39 9.20
C GLY A 364 -30.67 -19.08 9.06
N PRO A 365 -31.05 -18.27 8.05
CA PRO A 365 -30.14 -17.64 7.09
C PRO A 365 -29.28 -16.56 7.73
N VAL A 366 -28.20 -16.20 7.05
CA VAL A 366 -27.29 -15.16 7.54
C VAL A 366 -27.56 -13.83 6.83
N HIS A 367 -27.95 -12.83 7.61
CA HIS A 367 -28.24 -11.50 7.09
C HIS A 367 -27.22 -10.48 7.58
N ASN A 368 -26.48 -10.84 8.61
CA ASN A 368 -25.49 -9.92 9.17
C ASN A 368 -24.41 -10.65 9.94
N TYR A 369 -23.47 -9.89 10.48
CA TYR A 369 -22.36 -10.44 11.23
C TYR A 369 -22.83 -11.27 12.43
N GLU A 370 -23.86 -10.80 13.12
CA GLU A 370 -24.37 -11.52 14.28
C GLU A 370 -24.85 -12.91 13.86
N ASP A 371 -25.55 -12.99 12.74
CA ASP A 371 -26.01 -14.29 12.26
C ASP A 371 -24.81 -15.18 11.97
N ALA A 372 -23.86 -14.63 11.20
CA ALA A 372 -22.66 -15.35 10.84
C ALA A 372 -21.94 -15.96 12.04
N LYS A 373 -21.92 -15.23 13.15
CA LYS A 373 -21.25 -15.73 14.35
C LYS A 373 -21.89 -16.97 14.98
N LYS A 374 -23.14 -17.27 14.58
CA LYS A 374 -23.82 -18.44 15.13
C LYS A 374 -23.28 -19.72 14.52
N SER A 375 -22.47 -19.58 13.49
CA SER A 375 -21.88 -20.71 12.80
C SER A 375 -21.06 -21.56 13.75
N ASP A 376 -21.07 -22.87 13.49
CA ASP A 376 -20.33 -23.80 14.32
C ASP A 376 -18.88 -23.77 13.84
N LEU A 377 -18.08 -22.92 14.48
CA LEU A 377 -16.67 -22.77 14.14
C LEU A 377 -15.86 -24.03 14.40
N GLN A 378 -16.29 -24.82 15.38
CA GLN A 378 -15.62 -26.06 15.73
C GLN A 378 -15.72 -26.97 14.50
N LYS A 379 -16.94 -27.14 14.01
CA LYS A 379 -17.18 -27.98 12.85
C LYS A 379 -16.43 -27.44 11.64
N PHE A 380 -16.50 -26.12 11.43
CA PHE A 380 -15.82 -25.53 10.29
C PHE A 380 -14.35 -25.88 10.31
N SER A 381 -13.74 -25.75 11.49
CA SER A 381 -12.33 -26.06 11.63
C SER A 381 -12.05 -27.47 11.14
N ARG A 382 -12.86 -28.44 11.59
CA ARG A 382 -12.64 -29.82 11.18
C ARG A 382 -12.89 -29.99 9.69
N PHE A 383 -13.92 -29.32 9.19
CA PHE A 383 -14.25 -29.38 7.79
C PHE A 383 -13.09 -28.86 6.94
N HIS A 384 -12.58 -27.70 7.31
CA HIS A 384 -11.48 -27.08 6.59
C HIS A 384 -10.26 -27.99 6.54
N ARG A 385 -9.90 -28.54 7.69
CA ARG A 385 -8.75 -29.44 7.74
C ARG A 385 -9.01 -30.68 6.89
N GLY A 386 -10.21 -31.22 7.01
CA GLY A 386 -10.56 -32.40 6.25
C GLY A 386 -10.46 -32.17 4.75
N MET A 387 -10.93 -31.01 4.30
CA MET A 387 -10.87 -30.69 2.88
C MET A 387 -9.43 -30.54 2.41
N LEU A 388 -8.62 -29.92 3.25
CA LEU A 388 -7.21 -29.69 2.96
C LEU A 388 -6.55 -31.03 2.66
N GLU A 389 -6.82 -32.01 3.52
CA GLU A 389 -6.26 -33.36 3.37
C GLU A 389 -6.77 -34.03 2.12
N GLN A 390 -7.89 -33.56 1.60
CA GLN A 390 -8.47 -34.14 0.40
C GLN A 390 -7.99 -33.35 -0.81
N GLY A 391 -7.07 -32.41 -0.58
CA GLY A 391 -6.53 -31.61 -1.66
C GLY A 391 -7.34 -30.40 -2.10
N ILE A 392 -8.17 -29.88 -1.19
CA ILE A 392 -8.98 -28.69 -1.49
C ILE A 392 -8.57 -27.60 -0.54
N TYR A 393 -8.19 -26.44 -1.08
CA TYR A 393 -7.76 -25.32 -0.23
C TYR A 393 -8.85 -24.25 -0.11
N LEU A 394 -9.41 -24.14 1.08
CA LEU A 394 -10.46 -23.18 1.36
C LEU A 394 -9.93 -22.12 2.30
N ALA A 395 -10.59 -20.97 2.31
CA ALA A 395 -10.20 -19.87 3.19
C ALA A 395 -10.14 -20.43 4.61
N PRO A 396 -9.02 -20.22 5.30
CA PRO A 396 -8.90 -20.72 6.66
C PRO A 396 -9.69 -19.85 7.62
N SER A 397 -10.97 -19.67 7.31
CA SER A 397 -11.83 -18.85 8.14
C SER A 397 -13.29 -18.92 7.71
N GLN A 398 -14.17 -19.10 8.69
CA GLN A 398 -15.60 -19.17 8.41
C GLN A 398 -16.10 -17.80 7.97
N PHE A 399 -15.34 -16.75 8.30
CA PHE A 399 -15.76 -15.40 7.98
C PHE A 399 -15.15 -14.79 6.74
N GLU A 400 -14.67 -15.64 5.83
CA GLU A 400 -14.10 -15.16 4.58
C GLU A 400 -14.82 -15.86 3.45
N ALA A 401 -15.24 -15.10 2.46
CA ALA A 401 -15.94 -15.66 1.31
C ALA A 401 -14.96 -16.52 0.52
N GLY A 402 -15.49 -17.45 -0.28
CA GLY A 402 -14.63 -18.30 -1.07
C GLY A 402 -14.63 -17.76 -2.48
N PHE A 403 -13.63 -18.12 -3.27
CA PHE A 403 -13.58 -17.62 -4.64
C PHE A 403 -13.36 -18.69 -5.69
N THR A 404 -13.90 -18.39 -6.85
CA THR A 404 -13.83 -19.24 -8.01
C THR A 404 -13.07 -18.46 -9.06
N SER A 405 -12.48 -19.15 -10.03
CA SER A 405 -11.72 -18.50 -11.09
C SER A 405 -12.09 -19.11 -12.44
N LEU A 406 -11.67 -18.43 -13.51
CA LEU A 406 -11.94 -18.91 -14.86
C LEU A 406 -11.16 -20.17 -15.16
N ALA A 407 -10.15 -20.47 -14.34
CA ALA A 407 -9.31 -21.65 -14.51
C ALA A 407 -9.92 -22.88 -13.87
N HIS A 408 -10.84 -22.68 -12.92
CA HIS A 408 -11.49 -23.83 -12.31
C HIS A 408 -12.37 -24.50 -13.37
N THR A 409 -12.22 -25.82 -13.51
CA THR A 409 -13.00 -26.56 -14.49
C THR A 409 -14.15 -27.30 -13.82
N GLU A 410 -15.08 -27.81 -14.62
CA GLU A 410 -16.22 -28.55 -14.08
C GLU A 410 -15.66 -29.71 -13.26
N GLU A 411 -14.59 -30.31 -13.75
CA GLU A 411 -13.97 -31.43 -13.07
C GLU A 411 -13.42 -31.01 -11.72
N ASP A 412 -12.85 -29.81 -11.64
CA ASP A 412 -12.33 -29.34 -10.35
C ASP A 412 -13.49 -29.25 -9.38
N ILE A 413 -14.62 -28.76 -9.86
CA ILE A 413 -15.81 -28.62 -9.02
C ILE A 413 -16.26 -29.98 -8.50
N ASP A 414 -16.35 -30.96 -9.41
CA ASP A 414 -16.78 -32.28 -9.03
C ASP A 414 -15.84 -32.90 -8.02
N ALA A 415 -14.53 -32.73 -8.25
CA ALA A 415 -13.54 -33.27 -7.34
C ALA A 415 -13.72 -32.64 -5.97
N THR A 416 -14.14 -31.37 -5.95
CA THR A 416 -14.33 -30.65 -4.70
C THR A 416 -15.58 -31.16 -3.99
N LEU A 417 -16.63 -31.43 -4.75
CA LEU A 417 -17.87 -31.94 -4.16
C LEU A 417 -17.63 -33.35 -3.66
N ALA A 418 -16.84 -34.13 -4.41
CA ALA A 418 -16.54 -35.49 -4.00
C ALA A 418 -15.82 -35.41 -2.67
N ALA A 419 -14.86 -34.50 -2.59
CA ALA A 419 -14.08 -34.30 -1.36
C ALA A 419 -15.00 -33.83 -0.24
N ALA A 420 -15.90 -32.92 -0.57
CA ALA A 420 -16.82 -32.38 0.41
C ALA A 420 -17.68 -33.50 1.01
N ARG A 421 -18.23 -34.34 0.14
CA ARG A 421 -19.08 -35.45 0.58
C ARG A 421 -18.29 -36.33 1.55
N THR A 422 -17.07 -36.67 1.17
CA THR A 422 -16.21 -37.51 2.00
C THR A 422 -15.98 -36.89 3.37
N VAL A 423 -15.62 -35.61 3.38
CA VAL A 423 -15.35 -34.90 4.63
C VAL A 423 -16.58 -34.74 5.52
N MET A 424 -17.69 -34.28 4.94
CA MET A 424 -18.90 -34.09 5.74
C MET A 424 -19.50 -35.42 6.21
N SER A 425 -19.26 -36.49 5.47
CA SER A 425 -19.77 -37.79 5.88
C SER A 425 -19.19 -38.12 7.25
N ALA A 426 -18.02 -37.58 7.54
CA ALA A 426 -17.38 -37.80 8.83
C ALA A 426 -17.86 -36.68 9.75
N LEU A 427 -16.96 -35.77 10.10
CA LEU A 427 -17.30 -34.65 10.98
C LEU A 427 -18.06 -35.07 12.24
N PHE B 1 14.32 20.72 -28.04
CA PHE B 1 13.84 19.81 -26.95
C PHE B 1 12.35 19.57 -27.10
N LYS B 2 11.98 18.49 -27.77
CA LYS B 2 10.57 18.19 -27.98
C LYS B 2 9.96 17.36 -26.85
N THR B 3 8.74 17.72 -26.47
CA THR B 3 8.02 17.02 -25.42
C THR B 3 6.58 16.83 -25.87
N ILE B 4 6.38 16.88 -27.18
CA ILE B 4 5.06 16.74 -27.78
C ILE B 4 4.28 15.54 -27.25
N LYS B 5 4.87 14.35 -27.31
CA LYS B 5 4.18 13.15 -26.83
C LYS B 5 3.87 13.21 -25.34
N SER B 6 4.81 13.71 -24.54
CA SER B 6 4.56 13.81 -23.11
C SER B 6 3.37 14.74 -22.86
N ASP B 7 3.32 15.85 -23.58
CA ASP B 7 2.23 16.80 -23.42
C ASP B 7 0.89 16.18 -23.77
N GLU B 8 0.85 15.42 -24.87
CA GLU B 8 -0.39 14.77 -25.27
C GLU B 8 -0.88 13.85 -24.17
N ILE B 9 -0.03 12.92 -23.76
CA ILE B 9 -0.37 11.95 -22.74
C ILE B 9 -0.78 12.59 -21.41
N PHE B 10 -0.05 13.61 -20.99
CA PHE B 10 -0.37 14.27 -19.73
C PHE B 10 -1.68 15.03 -19.82
N ALA B 11 -1.95 15.59 -20.99
CA ALA B 11 -3.18 16.33 -21.19
C ALA B 11 -4.34 15.33 -21.01
N ALA B 12 -4.20 14.17 -21.63
CA ALA B 12 -5.24 13.14 -21.54
C ALA B 12 -5.39 12.64 -20.12
N ALA B 13 -4.25 12.44 -19.45
CA ALA B 13 -4.23 11.94 -18.09
C ALA B 13 -5.05 12.78 -17.12
N GLN B 14 -5.00 14.09 -17.29
CA GLN B 14 -5.72 15.01 -16.42
C GLN B 14 -7.23 14.84 -16.45
N LYS B 15 -7.73 14.17 -17.48
CA LYS B 15 -9.16 13.95 -17.62
C LYS B 15 -9.55 12.63 -16.97
N LEU B 16 -8.54 11.77 -16.74
CA LEU B 16 -8.77 10.45 -16.18
C LEU B 16 -8.40 10.35 -14.70
N MET B 17 -7.40 11.12 -14.30
CA MET B 17 -6.91 11.08 -12.94
C MET B 17 -6.73 12.47 -12.37
N PRO B 18 -6.87 12.61 -11.04
CA PRO B 18 -6.72 13.91 -10.38
C PRO B 18 -5.35 14.49 -10.71
N GLY B 19 -5.34 15.64 -11.37
CA GLY B 19 -4.08 16.27 -11.74
C GLY B 19 -3.35 15.48 -12.81
N GLY B 20 -4.00 14.47 -13.36
CA GLY B 20 -3.40 13.64 -14.40
C GLY B 20 -2.19 12.86 -13.93
N VAL B 21 -2.16 12.53 -12.65
CA VAL B 21 -1.04 11.78 -12.09
C VAL B 21 -1.49 10.86 -10.95
N SER B 22 -0.67 9.87 -10.64
CA SER B 22 -0.97 8.95 -9.56
C SER B 22 -0.37 9.47 -8.27
N SER B 23 0.49 10.48 -8.38
CA SER B 23 1.11 11.09 -7.22
C SER B 23 1.44 12.57 -7.50
N PRO B 24 0.98 13.46 -6.62
CA PRO B 24 1.14 14.92 -6.65
C PRO B 24 2.41 15.51 -7.27
N VAL B 25 3.56 15.23 -6.66
CA VAL B 25 4.83 15.77 -7.15
C VAL B 25 5.06 15.54 -8.64
N ARG B 26 4.50 14.47 -9.19
CA ARG B 26 4.68 14.17 -10.59
C ARG B 26 4.06 15.19 -11.52
N ALA B 27 3.17 16.03 -11.00
CA ALA B 27 2.51 17.04 -11.83
C ALA B 27 3.43 18.21 -12.20
N PHE B 28 4.63 18.25 -11.60
CA PHE B 28 5.58 19.31 -11.89
C PHE B 28 5.03 20.69 -11.54
N LYS B 29 4.02 20.73 -10.68
CA LYS B 29 3.39 21.99 -10.28
C LYS B 29 4.35 23.01 -9.69
N SER B 30 5.29 22.54 -8.89
CA SER B 30 6.26 23.42 -8.25
C SER B 30 7.38 23.85 -9.17
N VAL B 31 7.37 23.36 -10.39
CA VAL B 31 8.46 23.69 -11.31
C VAL B 31 8.03 24.00 -12.74
N GLY B 32 6.83 24.54 -12.91
CA GLY B 32 6.39 24.88 -14.25
C GLY B 32 5.13 24.18 -14.73
N GLY B 33 4.86 23.00 -14.18
CA GLY B 33 3.66 22.27 -14.57
C GLY B 33 3.72 21.51 -15.89
N GLN B 34 4.92 21.16 -16.34
CA GLN B 34 5.06 20.40 -17.57
C GLN B 34 5.85 19.13 -17.34
N PRO B 35 5.18 18.05 -16.91
CA PRO B 35 5.88 16.80 -16.65
C PRO B 35 6.22 16.03 -17.91
N ILE B 36 7.23 15.17 -17.84
CA ILE B 36 7.58 14.36 -18.99
C ILE B 36 7.15 12.94 -18.64
N VAL B 37 6.58 12.25 -19.63
CA VAL B 37 6.10 10.89 -19.44
C VAL B 37 7.20 9.92 -19.82
N PHE B 38 7.61 9.08 -18.88
CA PHE B 38 8.65 8.09 -19.13
C PHE B 38 8.11 6.92 -19.93
N ASP B 39 8.98 6.33 -20.77
CA ASP B 39 8.59 5.17 -21.55
C ASP B 39 9.34 3.99 -20.97
N ARG B 40 10.61 4.20 -20.65
CA ARG B 40 11.43 3.14 -20.08
C ARG B 40 12.59 3.73 -19.31
N VAL B 41 13.18 2.91 -18.46
CA VAL B 41 14.32 3.32 -17.65
C VAL B 41 15.33 2.18 -17.64
N LYS B 42 16.60 2.52 -17.60
CA LYS B 42 17.65 1.52 -17.56
C LYS B 42 18.93 2.10 -16.99
N ASP B 43 19.57 1.36 -16.10
CA ASP B 43 20.80 1.80 -15.49
C ASP B 43 20.58 3.15 -14.83
N ALA B 44 21.29 4.18 -15.29
CA ALA B 44 21.12 5.50 -14.70
C ALA B 44 20.32 6.43 -15.60
N TYR B 45 19.69 5.86 -16.63
CA TYR B 45 18.95 6.69 -17.56
C TYR B 45 17.46 6.43 -17.62
N ALA B 46 16.77 7.42 -18.16
CA ALA B 46 15.33 7.36 -18.33
C ALA B 46 15.10 7.86 -19.73
N TRP B 47 14.10 7.32 -20.39
CA TRP B 47 13.80 7.75 -21.74
C TRP B 47 12.40 8.31 -21.85
N ASP B 48 12.34 9.48 -22.48
CA ASP B 48 11.10 10.19 -22.75
C ASP B 48 10.24 9.36 -23.68
N VAL B 49 8.96 9.69 -23.70
CA VAL B 49 8.04 9.04 -24.59
C VAL B 49 8.28 9.74 -25.95
N ASP B 50 9.19 10.72 -25.96
CA ASP B 50 9.56 11.48 -27.16
C ASP B 50 10.95 11.10 -27.64
N GLY B 51 11.57 10.14 -26.96
CA GLY B 51 12.89 9.70 -27.35
C GLY B 51 14.02 10.39 -26.60
N ASN B 52 13.68 11.44 -25.87
CA ASN B 52 14.72 12.14 -25.12
C ASN B 52 15.27 11.24 -24.04
N ARG B 53 16.58 11.26 -23.89
CA ARG B 53 17.23 10.42 -22.91
C ARG B 53 17.75 11.34 -21.81
N TYR B 54 17.60 10.92 -20.56
CA TYR B 54 18.06 11.72 -19.43
C TYR B 54 18.90 10.90 -18.48
N ILE B 55 19.80 11.58 -17.79
CA ILE B 55 20.58 10.93 -16.76
C ILE B 55 19.62 11.20 -15.60
N ASP B 56 19.14 10.13 -15.00
CA ASP B 56 18.15 10.21 -13.93
C ASP B 56 18.69 10.34 -12.52
N TYR B 57 18.26 11.37 -11.80
CA TYR B 57 18.70 11.58 -10.42
C TYR B 57 17.53 11.46 -9.44
N VAL B 58 16.43 10.88 -9.92
CA VAL B 58 15.24 10.66 -9.10
C VAL B 58 15.20 9.18 -8.70
N GLY B 59 15.64 8.30 -9.60
CA GLY B 59 15.64 6.87 -9.31
C GLY B 59 14.30 6.40 -8.77
N THR B 60 13.23 6.75 -9.47
CA THR B 60 11.86 6.44 -9.10
C THR B 60 11.64 6.69 -7.60
N TRP B 61 12.28 7.76 -7.14
CA TRP B 61 12.20 8.23 -5.76
C TRP B 61 12.81 7.33 -4.70
N GLY B 62 13.93 6.69 -5.03
CA GLY B 62 14.60 5.86 -4.05
C GLY B 62 14.88 4.41 -4.37
N PRO B 63 13.89 3.66 -4.87
CA PRO B 63 14.07 2.24 -5.19
C PRO B 63 15.24 1.84 -6.10
N ALA B 64 15.47 2.56 -7.18
CA ALA B 64 16.50 2.21 -8.16
C ALA B 64 17.97 2.46 -7.78
N ILE B 65 18.33 2.18 -6.54
CA ILE B 65 19.69 2.39 -6.11
C ILE B 65 20.70 1.53 -6.89
N CYS B 66 20.26 0.38 -7.38
CA CYS B 66 21.16 -0.51 -8.12
C CYS B 66 21.16 -0.14 -9.59
N GLY B 67 20.36 0.87 -9.93
CA GLY B 67 20.23 1.30 -11.30
C GLY B 67 18.90 0.75 -11.77
N HIS B 68 18.28 1.40 -12.75
CA HIS B 68 17.00 0.94 -13.27
C HIS B 68 17.14 -0.38 -14.01
N ALA B 69 16.08 -1.19 -13.96
CA ALA B 69 16.04 -2.47 -14.66
C ALA B 69 17.34 -3.25 -14.55
N HIS B 70 17.83 -3.42 -13.33
CA HIS B 70 19.06 -4.14 -13.16
C HIS B 70 18.87 -5.58 -13.67
N PRO B 71 19.72 -6.00 -14.61
CA PRO B 71 19.70 -7.33 -15.25
C PRO B 71 19.44 -8.50 -14.31
N GLU B 72 20.13 -8.51 -13.18
CA GLU B 72 19.96 -9.61 -12.23
C GLU B 72 18.62 -9.55 -11.53
N VAL B 73 18.09 -8.35 -11.33
CA VAL B 73 16.80 -8.23 -10.68
C VAL B 73 15.70 -8.68 -11.63
N ILE B 74 15.70 -8.18 -12.86
CA ILE B 74 14.66 -8.56 -13.80
C ILE B 74 14.70 -10.05 -14.10
N GLU B 75 15.91 -10.63 -14.16
CA GLU B 75 16.00 -12.05 -14.45
C GLU B 75 15.41 -12.85 -13.30
N ALA B 76 15.68 -12.41 -12.08
CA ALA B 76 15.17 -13.08 -10.90
C ALA B 76 13.64 -13.01 -10.90
N LEU B 77 13.12 -11.87 -11.34
CA LEU B 77 11.67 -11.69 -11.40
C LEU B 77 11.05 -12.55 -12.49
N LYS B 78 11.73 -12.62 -13.64
CA LYS B 78 11.24 -13.41 -14.77
C LYS B 78 11.06 -14.85 -14.33
N VAL B 79 12.01 -15.36 -13.57
CA VAL B 79 11.96 -16.73 -13.10
C VAL B 79 10.91 -16.94 -12.03
N ALA B 80 10.82 -16.02 -11.08
CA ALA B 80 9.85 -16.15 -10.01
C ALA B 80 8.40 -16.08 -10.44
N MET B 81 8.06 -15.24 -11.42
CA MET B 81 6.65 -15.15 -11.81
C MET B 81 6.11 -16.40 -12.48
N GLU B 82 6.99 -17.32 -12.87
CA GLU B 82 6.53 -18.55 -13.50
C GLU B 82 5.75 -19.33 -12.45
N LYS B 83 6.10 -19.10 -11.19
CA LYS B 83 5.44 -19.75 -10.07
C LYS B 83 4.21 -19.01 -9.56
N GLY B 84 3.87 -17.89 -10.17
CA GLY B 84 2.73 -17.13 -9.71
C GLY B 84 3.21 -15.87 -9.03
N THR B 85 2.41 -14.81 -9.07
CA THR B 85 2.84 -13.55 -8.49
C THR B 85 2.34 -13.28 -7.07
N SER B 86 1.32 -14.01 -6.65
CA SER B 86 0.73 -13.81 -5.33
C SER B 86 0.09 -15.11 -4.86
N PHE B 87 0.35 -15.47 -3.61
CA PHE B 87 -0.17 -16.71 -3.07
C PHE B 87 -1.31 -16.54 -2.08
N GLY B 88 -1.24 -15.48 -1.27
CA GLY B 88 -2.29 -15.28 -0.28
C GLY B 88 -2.02 -16.21 0.89
N ALA B 89 -0.87 -16.86 0.84
CA ALA B 89 -0.44 -17.78 1.87
C ALA B 89 1.07 -17.58 2.07
N PRO B 90 1.62 -18.10 3.18
CA PRO B 90 3.06 -17.92 3.39
C PRO B 90 3.88 -18.52 2.27
N CYS B 91 5.08 -17.98 2.06
CA CYS B 91 5.99 -18.51 1.05
C CYS B 91 7.37 -18.41 1.66
N ALA B 92 8.26 -19.29 1.24
CA ALA B 92 9.61 -19.32 1.76
C ALA B 92 10.36 -17.98 1.59
N LEU B 93 10.06 -17.26 0.52
CA LEU B 93 10.76 -16.01 0.27
C LEU B 93 10.53 -14.95 1.34
N GLU B 94 9.38 -14.98 2.01
CA GLU B 94 9.11 -14.01 3.07
C GLU B 94 10.14 -14.21 4.16
N ASN B 95 10.44 -15.47 4.45
CA ASN B 95 11.42 -15.81 5.47
C ASN B 95 12.80 -15.28 5.11
N VAL B 96 13.18 -15.44 3.84
CA VAL B 96 14.48 -15.00 3.37
C VAL B 96 14.68 -13.49 3.48
N LEU B 97 13.79 -12.72 2.89
CA LEU B 97 13.89 -11.27 2.96
C LEU B 97 13.82 -10.79 4.41
N ALA B 98 12.93 -11.40 5.18
CA ALA B 98 12.76 -11.02 6.58
C ALA B 98 14.07 -11.18 7.33
N GLU B 99 14.75 -12.28 7.07
CA GLU B 99 16.02 -12.54 7.73
C GLU B 99 17.05 -11.50 7.27
N MET B 100 17.08 -11.25 5.96
CA MET B 100 18.03 -10.28 5.42
C MET B 100 17.81 -8.90 6.03
N VAL B 101 16.55 -8.51 6.18
CA VAL B 101 16.23 -7.22 6.74
C VAL B 101 16.60 -7.13 8.21
N ASN B 102 16.33 -8.20 8.96
CA ASN B 102 16.67 -8.21 10.38
C ASN B 102 18.17 -8.03 10.55
N ASP B 103 18.94 -8.75 9.74
CA ASP B 103 20.39 -8.65 9.83
C ASP B 103 20.91 -7.28 9.42
N ALA B 104 20.27 -6.68 8.43
CA ALA B 104 20.71 -5.39 7.93
C ALA B 104 20.39 -4.17 8.79
N VAL B 105 19.21 -4.17 9.41
CA VAL B 105 18.80 -3.04 10.22
C VAL B 105 18.91 -3.29 11.71
N PRO B 106 19.83 -2.56 12.37
CA PRO B 106 20.07 -2.66 13.81
C PRO B 106 18.80 -2.85 14.63
N SER B 107 17.95 -1.82 14.63
CA SER B 107 16.72 -1.83 15.40
C SER B 107 15.73 -2.94 15.08
N ILE B 108 15.80 -3.52 13.90
CA ILE B 108 14.83 -4.53 13.53
C ILE B 108 15.14 -5.97 13.97
N GLU B 109 14.33 -6.49 14.87
CA GLU B 109 14.48 -7.85 15.36
C GLU B 109 13.36 -8.70 14.78
N MET B 110 12.26 -8.05 14.44
CA MET B 110 11.11 -8.73 13.87
C MET B 110 10.53 -7.78 12.83
N VAL B 111 10.11 -8.33 11.68
CA VAL B 111 9.56 -7.52 10.60
C VAL B 111 8.22 -7.98 10.08
N ARG B 112 7.46 -7.01 9.60
CA ARG B 112 6.16 -7.28 9.02
C ARG B 112 6.22 -6.53 7.70
N PHE B 113 6.05 -7.26 6.61
CA PHE B 113 6.08 -6.63 5.30
C PHE B 113 4.70 -6.11 5.00
N VAL B 114 4.68 -5.00 4.29
CA VAL B 114 3.43 -4.36 3.88
C VAL B 114 3.67 -3.95 2.43
N ASN B 115 2.78 -3.18 1.86
CA ASN B 115 2.94 -2.82 0.46
C ASN B 115 3.46 -1.43 0.10
N SER B 116 3.68 -0.59 1.11
CA SER B 116 4.20 0.75 0.83
C SER B 116 4.76 1.40 2.08
N GLY B 117 5.46 2.52 1.88
CA GLY B 117 6.01 3.23 3.00
C GLY B 117 4.85 3.76 3.82
N THR B 118 3.79 4.17 3.12
CA THR B 118 2.59 4.70 3.79
C THR B 118 1.96 3.66 4.72
N GLU B 119 1.84 2.42 4.26
CA GLU B 119 1.27 1.39 5.11
C GLU B 119 2.18 1.16 6.31
N ALA B 120 3.48 1.11 6.08
CA ALA B 120 4.43 0.90 7.15
C ALA B 120 4.29 1.99 8.22
N CYS B 121 4.27 3.25 7.80
CA CYS B 121 4.17 4.37 8.73
C CYS B 121 2.86 4.32 9.50
N MET B 122 1.81 4.07 8.75
CA MET B 122 0.48 3.96 9.31
C MET B 122 0.48 2.90 10.40
N ALA B 123 1.05 1.74 10.09
CA ALA B 123 1.11 0.64 11.03
C ALA B 123 1.99 0.98 12.24
N VAL B 124 3.17 1.54 11.99
CA VAL B 124 4.09 1.86 13.08
C VAL B 124 3.49 2.91 14.03
N LEU B 125 2.68 3.81 13.47
CA LEU B 125 2.05 4.83 14.28
C LEU B 125 1.11 4.13 15.25
N ARG B 126 0.42 3.11 14.75
CA ARG B 126 -0.51 2.37 15.56
C ARG B 126 0.14 1.54 16.67
N ILE B 127 1.27 0.85 16.43
CA ILE B 127 1.83 0.12 17.57
C ILE B 127 2.54 1.05 18.54
N MET B 128 2.96 2.21 18.07
CA MET B 128 3.61 3.17 18.97
C MET B 128 2.61 3.42 20.08
N ARG B 129 1.38 3.70 19.68
CA ARG B 129 0.31 3.97 20.63
C ARG B 129 -0.15 2.70 21.33
N ALA B 130 -0.31 1.63 20.56
CA ALA B 130 -0.75 0.38 21.14
C ALA B 130 0.23 -0.06 22.22
N TYR B 131 1.51 0.00 21.91
CA TYR B 131 2.54 -0.42 22.85
C TYR B 131 2.69 0.45 24.09
N THR B 132 2.64 1.77 23.91
CA THR B 132 2.80 2.70 25.03
C THR B 132 1.51 3.05 25.74
N GLY B 133 0.38 2.83 25.07
CA GLY B 133 -0.89 3.16 25.67
C GLY B 133 -1.11 4.67 25.69
N ARG B 134 -0.32 5.39 24.90
CA ARG B 134 -0.43 6.84 24.81
C ARG B 134 -0.89 7.22 23.41
N ASP B 135 -1.53 8.39 23.27
CA ASP B 135 -2.03 8.79 21.97
C ASP B 135 -1.27 9.86 21.21
N LYS B 136 -0.48 10.68 21.91
CA LYS B 136 0.25 11.74 21.23
C LYS B 136 1.54 11.31 20.58
N ILE B 137 1.77 11.84 19.38
CA ILE B 137 2.96 11.54 18.58
C ILE B 137 3.66 12.83 18.20
N ILE B 138 4.98 12.79 18.21
CA ILE B 138 5.75 13.97 17.81
C ILE B 138 6.37 13.73 16.44
N LYS B 139 6.11 14.64 15.51
CA LYS B 139 6.67 14.56 14.17
C LYS B 139 7.26 15.94 13.91
N PHE B 140 8.14 16.05 12.93
CA PHE B 140 8.76 17.32 12.65
C PHE B 140 8.25 17.96 11.37
N GLU B 141 8.23 19.28 11.36
CA GLU B 141 7.80 20.05 10.19
C GLU B 141 8.73 19.71 9.03
N GLY B 142 8.15 19.47 7.86
CA GLY B 142 8.99 19.14 6.71
C GLY B 142 9.15 17.64 6.49
N CYS B 143 8.99 16.85 7.54
CA CYS B 143 9.12 15.40 7.42
C CYS B 143 7.85 14.82 6.81
N TYR B 144 7.99 13.75 6.03
CA TYR B 144 6.85 13.10 5.40
C TYR B 144 6.88 11.60 5.70
N HIS B 145 5.75 11.04 6.12
CA HIS B 145 5.66 9.62 6.43
C HIS B 145 4.35 9.07 5.92
N GLY B 146 4.04 9.38 4.67
CA GLY B 146 2.78 8.93 4.13
C GLY B 146 1.68 9.91 4.53
N HIS B 147 0.44 9.54 4.24
CA HIS B 147 -0.72 10.38 4.51
C HIS B 147 -1.82 9.63 5.28
N ALA B 148 -2.58 10.37 6.08
CA ALA B 148 -3.66 9.77 6.86
C ALA B 148 -4.62 10.85 7.35
N ASP B 149 -5.21 10.63 8.52
CA ASP B 149 -6.15 11.59 9.10
C ASP B 149 -5.56 12.31 10.32
N MET B 150 -5.07 11.54 11.28
CA MET B 150 -4.47 12.09 12.50
C MET B 150 -2.95 11.98 12.43
N PHE B 151 -2.35 12.68 11.47
CA PHE B 151 -0.90 12.61 11.30
C PHE B 151 -0.47 13.56 10.19
N LEU B 152 -1.32 13.73 9.18
CA LEU B 152 -1.02 14.62 8.06
C LEU B 152 -1.01 16.05 8.55
N VAL B 153 0.10 16.46 9.15
CA VAL B 153 0.24 17.81 9.68
C VAL B 153 1.62 18.38 9.39
N LYS B 154 1.66 19.47 8.61
CA LYS B 154 2.93 20.09 8.24
C LYS B 154 3.88 19.04 7.71
N ALA B 155 3.36 18.16 6.86
CA ALA B 155 4.14 17.08 6.27
C ALA B 155 5.09 17.58 5.18
N GLY B 156 5.85 16.66 4.61
CA GLY B 156 6.79 17.02 3.57
C GLY B 156 6.27 16.70 2.18
N SER B 157 7.17 16.37 1.27
CA SER B 157 6.81 16.03 -0.10
C SER B 157 5.86 17.05 -0.71
N GLY B 158 4.84 16.56 -1.41
CA GLY B 158 3.87 17.46 -2.03
C GLY B 158 3.28 18.45 -1.05
N VAL B 159 3.36 18.14 0.24
CA VAL B 159 2.82 19.02 1.27
C VAL B 159 3.80 20.17 1.54
N ALA B 160 5.02 19.82 1.93
CA ALA B 160 6.04 20.81 2.24
C ALA B 160 6.63 21.36 0.93
N THR B 161 5.75 21.80 0.04
CA THR B 161 6.17 22.34 -1.24
C THR B 161 5.45 23.65 -1.54
N LEU B 162 4.12 23.61 -1.55
CA LEU B 162 3.32 24.80 -1.82
C LEU B 162 2.85 25.41 -0.51
N GLY B 163 3.70 25.31 0.51
CA GLY B 163 3.37 25.86 1.82
C GLY B 163 2.24 25.09 2.47
N LEU B 164 1.86 23.97 1.86
CA LEU B 164 0.79 23.14 2.40
C LEU B 164 1.20 22.60 3.76
N PRO B 165 0.36 22.82 4.78
CA PRO B 165 0.62 22.35 6.14
C PRO B 165 0.07 20.95 6.41
N SER B 166 -1.12 20.89 6.97
CA SER B 166 -1.78 19.63 7.28
C SER B 166 -3.03 19.50 6.43
N SER B 167 -3.60 18.30 6.34
CA SER B 167 -4.81 18.09 5.56
C SER B 167 -4.77 18.88 4.24
N PRO B 168 -5.92 19.23 3.65
CA PRO B 168 -7.33 19.01 3.99
C PRO B 168 -7.76 17.55 3.87
N GLY B 169 -8.95 17.26 4.39
CA GLY B 169 -9.47 15.90 4.34
C GLY B 169 -9.74 15.31 5.71
N VAL B 170 -8.78 15.43 6.61
CA VAL B 170 -8.93 14.89 7.96
C VAL B 170 -9.80 15.80 8.82
N PRO B 171 -10.43 15.23 9.86
CA PRO B 171 -11.28 16.02 10.75
C PRO B 171 -10.47 16.93 11.67
N LYS B 172 -11.05 18.07 12.03
CA LYS B 172 -10.37 19.02 12.90
C LYS B 172 -10.33 18.51 14.35
N LYS B 173 -9.90 17.27 14.52
CA LYS B 173 -9.82 16.65 15.84
C LYS B 173 -8.68 15.63 15.88
N THR B 174 -8.65 14.75 14.89
CA THR B 174 -7.63 13.72 14.80
C THR B 174 -6.20 14.22 14.99
N THR B 175 -5.82 15.22 14.20
CA THR B 175 -4.47 15.78 14.27
C THR B 175 -4.07 16.29 15.66
N ALA B 176 -5.05 16.45 16.54
CA ALA B 176 -4.78 16.94 17.89
C ALA B 176 -3.79 16.03 18.62
N ASN B 177 -3.75 14.77 18.21
CA ASN B 177 -2.86 13.77 18.81
C ASN B 177 -1.50 13.74 18.12
N THR B 178 -1.22 14.75 17.30
CA THR B 178 0.06 14.82 16.62
C THR B 178 0.71 16.15 16.90
N LEU B 179 1.84 16.11 17.60
CA LEU B 179 2.59 17.29 17.95
C LEU B 179 3.67 17.54 16.90
N THR B 180 3.86 18.80 16.53
CA THR B 180 4.87 19.15 15.53
C THR B 180 5.94 20.03 16.14
N THR B 181 7.14 19.92 15.60
CA THR B 181 8.28 20.69 16.06
C THR B 181 9.21 20.91 14.87
N PRO B 182 10.08 21.92 14.95
CA PRO B 182 11.00 22.15 13.84
C PRO B 182 12.08 21.07 13.84
N TYR B 183 12.50 20.63 12.66
CA TYR B 183 13.54 19.61 12.60
C TYR B 183 14.80 20.20 13.24
N ASN B 184 15.62 19.36 13.83
CA ASN B 184 16.87 19.80 14.45
C ASN B 184 16.70 20.72 15.65
N ASP B 185 15.51 20.73 16.24
CA ASP B 185 15.25 21.57 17.40
C ASP B 185 14.96 20.70 18.62
N LEU B 186 16.03 20.29 19.31
CA LEU B 186 15.87 19.44 20.49
C LEU B 186 15.07 20.12 21.59
N GLU B 187 15.30 21.42 21.77
CA GLU B 187 14.61 22.17 22.81
C GLU B 187 13.12 22.15 22.61
N ALA B 188 12.67 22.33 21.38
CA ALA B 188 11.25 22.31 21.09
C ALA B 188 10.67 20.97 21.51
N VAL B 189 11.39 19.89 21.22
CA VAL B 189 10.94 18.56 21.58
C VAL B 189 10.83 18.39 23.09
N LYS B 190 11.88 18.74 23.83
CA LYS B 190 11.84 18.62 25.27
C LYS B 190 10.66 19.40 25.82
N ALA B 191 10.39 20.56 25.23
CA ALA B 191 9.27 21.39 25.64
C ALA B 191 7.97 20.66 25.46
N LEU B 192 7.87 19.89 24.38
CA LEU B 192 6.67 19.13 24.10
C LEU B 192 6.41 18.06 25.14
N PHE B 193 7.45 17.37 25.58
CA PHE B 193 7.27 16.35 26.60
C PHE B 193 6.91 17.03 27.92
N ALA B 194 7.64 18.08 28.25
CA ALA B 194 7.40 18.84 29.47
C ALA B 194 5.95 19.28 29.54
N GLU B 195 5.37 19.60 28.38
CA GLU B 195 3.99 20.06 28.33
C GLU B 195 2.95 18.95 28.22
N ASN B 196 3.38 17.72 27.99
CA ASN B 196 2.45 16.60 27.86
C ASN B 196 2.96 15.38 28.62
N PRO B 197 3.16 15.52 29.94
CA PRO B 197 3.65 14.39 30.73
C PRO B 197 2.82 13.13 30.58
N GLY B 198 3.49 12.01 30.35
CA GLY B 198 2.82 10.73 30.20
C GLY B 198 1.78 10.64 29.09
N GLU B 199 1.94 11.45 28.05
CA GLU B 199 1.00 11.41 26.94
C GLU B 199 1.66 11.15 25.59
N ILE B 200 2.98 11.25 25.54
CA ILE B 200 3.71 11.03 24.28
C ILE B 200 4.09 9.57 24.07
N ALA B 201 3.56 8.99 22.99
CA ALA B 201 3.87 7.60 22.64
C ALA B 201 5.28 7.55 22.09
N GLY B 202 5.68 8.63 21.42
CA GLY B 202 7.02 8.65 20.87
C GLY B 202 7.22 9.69 19.79
N VAL B 203 8.42 9.66 19.22
CA VAL B 203 8.80 10.60 18.19
C VAL B 203 9.14 9.83 16.93
N ILE B 204 8.61 10.29 15.80
CA ILE B 204 8.91 9.65 14.53
C ILE B 204 9.56 10.72 13.67
N LEU B 205 10.56 10.33 12.89
CA LEU B 205 11.23 11.31 12.03
C LEU B 205 12.08 10.62 10.96
N GLU B 206 12.44 11.41 9.94
CA GLU B 206 13.34 10.93 8.90
C GLU B 206 14.71 11.18 9.53
N PRO B 207 15.48 10.11 9.80
CA PRO B 207 16.82 10.22 10.41
C PRO B 207 17.63 11.27 9.66
N ILE B 208 17.41 11.32 8.35
CA ILE B 208 18.03 12.30 7.48
C ILE B 208 16.84 12.68 6.63
N VAL B 209 16.52 13.97 6.62
CA VAL B 209 15.37 14.44 5.86
C VAL B 209 15.61 14.45 4.36
N GLY B 210 14.58 14.04 3.63
CA GLY B 210 14.67 14.03 2.19
C GLY B 210 13.45 14.70 1.60
N ASN B 211 12.44 14.93 2.43
CA ASN B 211 11.18 15.53 1.94
C ASN B 211 10.96 17.02 2.18
N SER B 212 12.01 17.74 2.53
CA SER B 212 11.95 19.18 2.71
C SER B 212 13.33 19.59 2.20
N GLY B 213 13.74 18.90 1.14
CA GLY B 213 15.05 19.11 0.58
C GLY B 213 15.92 18.19 1.42
N PHE B 214 17.20 18.12 1.09
CA PHE B 214 18.12 17.26 1.83
C PHE B 214 18.57 17.98 3.09
N ILE B 215 18.25 17.41 4.25
CA ILE B 215 18.64 18.03 5.52
C ILE B 215 19.20 16.97 6.47
N VAL B 216 20.45 17.16 6.86
CA VAL B 216 21.12 16.25 7.78
C VAL B 216 20.89 16.74 9.22
N PRO B 217 20.86 15.81 10.18
CA PRO B 217 20.65 16.24 11.56
C PRO B 217 21.91 16.90 12.13
N ASP B 218 21.72 17.96 12.93
CA ASP B 218 22.85 18.63 13.55
C ASP B 218 23.45 17.66 14.55
N ALA B 219 24.69 17.91 14.93
CA ALA B 219 25.37 17.07 15.90
C ALA B 219 24.50 17.00 17.16
N GLY B 220 24.36 15.81 17.71
CA GLY B 220 23.59 15.63 18.92
C GLY B 220 22.08 15.58 18.79
N PHE B 221 21.55 15.89 17.61
CA PHE B 221 20.11 15.87 17.44
C PHE B 221 19.50 14.48 17.62
N LEU B 222 19.95 13.53 16.80
CA LEU B 222 19.43 12.17 16.89
C LEU B 222 19.68 11.59 18.27
N GLU B 223 20.90 11.79 18.80
CA GLU B 223 21.23 11.29 20.12
C GLU B 223 20.31 11.90 21.16
N GLY B 224 20.07 13.21 21.05
CA GLY B 224 19.21 13.89 21.99
C GLY B 224 17.83 13.25 21.97
N LEU B 225 17.28 13.08 20.78
CA LEU B 225 15.97 12.47 20.62
C LEU B 225 15.92 11.09 21.26
N ARG B 226 16.98 10.31 21.05
CA ARG B 226 17.02 8.97 21.63
C ARG B 226 16.99 9.07 23.16
N GLU B 227 17.81 9.98 23.70
CA GLU B 227 17.87 10.14 25.15
C GLU B 227 16.55 10.61 25.74
N ILE B 228 15.93 11.62 25.15
CA ILE B 228 14.68 12.11 25.72
C ILE B 228 13.58 11.06 25.68
N THR B 229 13.47 10.34 24.57
CA THR B 229 12.44 9.30 24.47
C THR B 229 12.64 8.26 25.57
N LEU B 230 13.88 7.82 25.76
CA LEU B 230 14.16 6.84 26.80
C LEU B 230 13.72 7.39 28.16
N GLU B 231 14.01 8.67 28.38
CA GLU B 231 13.68 9.33 29.63
C GLU B 231 12.19 9.29 29.96
N HIS B 232 11.34 9.51 28.95
CA HIS B 232 9.90 9.52 29.16
C HIS B 232 9.22 8.24 28.69
N ASP B 233 9.98 7.15 28.60
CA ASP B 233 9.44 5.86 28.16
C ASP B 233 8.63 6.02 26.88
N ALA B 234 9.17 6.79 25.95
CA ALA B 234 8.52 7.02 24.67
C ALA B 234 9.34 6.30 23.60
N LEU B 235 8.71 5.98 22.49
CA LEU B 235 9.40 5.28 21.41
C LEU B 235 10.05 6.23 20.43
N LEU B 236 11.22 5.84 19.92
CA LEU B 236 11.91 6.64 18.92
C LEU B 236 11.74 5.86 17.64
N VAL B 237 11.05 6.43 16.67
CA VAL B 237 10.82 5.73 15.43
C VAL B 237 11.51 6.40 14.25
N PHE B 238 12.33 5.63 13.56
CA PHE B 238 13.02 6.15 12.39
C PHE B 238 12.28 5.73 11.12
N ASP B 239 11.87 6.72 10.36
CA ASP B 239 11.21 6.45 9.09
C ASP B 239 12.36 6.39 8.09
N GLU B 240 12.81 5.19 7.78
CA GLU B 240 13.91 5.06 6.83
C GLU B 240 13.41 4.54 5.50
N VAL B 241 12.17 4.86 5.19
CA VAL B 241 11.60 4.45 3.93
C VAL B 241 12.51 4.93 2.81
N MET B 242 13.02 6.16 2.95
CA MET B 242 13.89 6.74 1.94
C MET B 242 15.38 6.54 2.20
N THR B 243 15.76 6.62 3.46
CA THR B 243 17.17 6.48 3.80
C THR B 243 17.64 5.03 3.89
N GLY B 244 16.72 4.14 4.22
CA GLY B 244 17.03 2.73 4.35
C GLY B 244 17.72 2.13 3.15
N PHE B 245 18.86 1.47 3.41
CA PHE B 245 19.65 0.82 2.35
C PHE B 245 20.27 1.80 1.37
N ARG B 246 20.11 3.09 1.60
CA ARG B 246 20.69 4.10 0.71
C ARG B 246 21.85 4.82 1.39
N ILE B 247 21.60 5.35 2.59
CA ILE B 247 22.62 6.05 3.34
C ILE B 247 23.66 5.02 3.77
N ALA B 248 23.18 3.81 3.98
CA ALA B 248 24.03 2.69 4.39
C ALA B 248 23.17 1.44 4.33
N TYR B 249 23.80 0.29 4.34
CA TYR B 249 23.05 -0.96 4.29
C TYR B 249 22.07 -0.98 5.46
N GLY B 250 22.51 -0.49 6.61
CA GLY B 250 21.67 -0.45 7.79
C GLY B 250 21.01 0.90 7.98
N GLY B 251 21.02 1.72 6.94
CA GLY B 251 20.40 3.02 7.01
C GLY B 251 21.11 4.04 7.90
N VAL B 252 20.43 5.15 8.15
CA VAL B 252 21.00 6.21 8.97
C VAL B 252 21.32 5.73 10.37
N GLN B 253 20.44 4.91 10.95
CA GLN B 253 20.66 4.40 12.30
C GLN B 253 22.00 3.68 12.38
N GLU B 254 22.36 2.97 11.32
CA GLU B 254 23.63 2.26 11.30
C GLU B 254 24.77 3.24 11.13
N LYS B 255 24.66 4.08 10.10
CA LYS B 255 25.64 5.10 9.78
C LYS B 255 26.00 6.01 10.94
N PHE B 256 24.98 6.65 11.52
CA PHE B 256 25.18 7.60 12.61
C PHE B 256 25.14 6.98 14.00
N GLY B 257 25.03 5.66 14.07
CA GLY B 257 25.04 4.98 15.35
C GLY B 257 23.93 5.23 16.36
N VAL B 258 22.74 5.56 15.90
CA VAL B 258 21.63 5.78 16.82
C VAL B 258 20.57 4.74 16.51
N THR B 259 20.22 3.93 17.51
CA THR B 259 19.23 2.88 17.33
C THR B 259 17.82 3.20 17.82
N PRO B 260 16.87 3.30 16.88
CA PRO B 260 15.48 3.61 17.24
C PRO B 260 14.81 2.33 17.74
N ASP B 261 13.57 2.44 18.18
CA ASP B 261 12.84 1.29 18.71
C ASP B 261 12.08 0.62 17.58
N LEU B 262 11.68 1.41 16.60
CA LEU B 262 10.91 0.92 15.47
C LEU B 262 11.45 1.63 14.23
N THR B 263 11.38 0.94 13.09
CA THR B 263 11.86 1.49 11.84
C THR B 263 10.92 1.15 10.71
N THR B 264 10.66 2.12 9.83
CA THR B 264 9.83 1.86 8.68
C THR B 264 10.77 1.80 7.49
N LEU B 265 10.45 0.91 6.56
CA LEU B 265 11.27 0.74 5.37
C LEU B 265 10.36 0.72 4.15
N GLY B 266 10.95 0.97 2.99
CA GLY B 266 10.18 0.97 1.76
C GLY B 266 11.12 1.15 0.60
N LYS B 267 10.55 1.60 -0.52
CA LYS B 267 11.32 1.85 -1.73
C LYS B 267 12.33 0.77 -2.09
N ILE B 268 13.59 0.97 -1.72
CA ILE B 268 14.64 0.02 -2.07
C ILE B 268 14.33 -1.42 -1.69
N ILE B 269 13.73 -1.62 -0.52
CA ILE B 269 13.40 -2.97 -0.07
C ILE B 269 12.51 -3.70 -1.06
N GLY B 270 11.80 -2.95 -1.91
CA GLY B 270 10.94 -3.57 -2.90
C GLY B 270 11.64 -3.74 -4.24
N GLY B 271 12.86 -3.20 -4.34
CA GLY B 271 13.62 -3.31 -5.57
C GLY B 271 12.90 -2.87 -6.83
N GLY B 272 11.91 -2.01 -6.69
CA GLY B 272 11.17 -1.55 -7.86
C GLY B 272 9.71 -1.94 -7.82
N LEU B 273 9.35 -2.80 -6.87
CA LEU B 273 7.98 -3.24 -6.72
C LEU B 273 7.39 -2.64 -5.44
N PRO B 274 6.06 -2.56 -5.33
CA PRO B 274 5.45 -1.98 -4.13
C PRO B 274 5.71 -2.82 -2.88
N VAL B 275 6.61 -2.34 -2.03
CA VAL B 275 6.92 -3.06 -0.81
C VAL B 275 7.22 -2.10 0.32
N GLY B 276 6.72 -2.43 1.50
CA GLY B 276 6.98 -1.61 2.64
C GLY B 276 7.29 -2.57 3.76
N ALA B 277 7.74 -2.05 4.89
CA ALA B 277 8.03 -2.91 6.01
C ALA B 277 8.20 -2.07 7.25
N TYR B 278 7.85 -2.65 8.39
CA TYR B 278 8.05 -1.98 9.66
C TYR B 278 8.50 -3.06 10.63
N GLY B 279 9.51 -2.72 11.41
CA GLY B 279 10.03 -3.66 12.38
C GLY B 279 10.73 -2.91 13.49
N GLY B 280 11.11 -3.64 14.53
CA GLY B 280 11.79 -3.03 15.64
C GLY B 280 11.98 -4.07 16.72
N LYS B 281 12.04 -3.62 17.97
CA LYS B 281 12.19 -4.51 19.09
C LYS B 281 11.11 -5.57 19.03
N ARG B 282 11.49 -6.80 19.37
CA ARG B 282 10.57 -7.92 19.36
C ARG B 282 9.37 -7.70 20.28
N GLU B 283 9.62 -7.24 21.50
CA GLU B 283 8.54 -7.03 22.44
C GLU B 283 7.47 -6.11 21.85
N ILE B 284 7.88 -5.13 21.05
CA ILE B 284 6.91 -4.23 20.45
C ILE B 284 6.17 -4.91 19.30
N MET B 285 6.94 -5.54 18.43
CA MET B 285 6.36 -6.23 17.27
C MET B 285 5.40 -7.34 17.65
N GLN B 286 5.54 -7.85 18.88
CA GLN B 286 4.68 -8.93 19.36
C GLN B 286 3.20 -8.55 19.42
N LEU B 287 2.91 -7.26 19.49
CA LEU B 287 1.52 -6.80 19.56
C LEU B 287 0.82 -6.86 18.21
N VAL B 288 1.60 -7.08 17.15
CA VAL B 288 1.04 -7.14 15.80
C VAL B 288 0.33 -8.46 15.55
N ALA B 289 -0.92 -8.38 15.09
CA ALA B 289 -1.69 -9.57 14.79
C ALA B 289 -0.98 -10.39 13.72
N PRO B 290 -1.14 -11.72 13.75
CA PRO B 290 -1.95 -12.48 14.71
C PRO B 290 -1.22 -12.79 16.03
N ALA B 291 -0.01 -12.28 16.16
CA ALA B 291 0.78 -12.50 17.35
C ALA B 291 0.19 -11.71 18.51
N GLY B 292 -0.29 -10.51 18.21
CA GLY B 292 -0.87 -9.66 19.24
C GLY B 292 -2.20 -9.08 18.82
N PRO B 293 -2.81 -8.21 19.64
CA PRO B 293 -4.11 -7.59 19.36
C PRO B 293 -4.17 -6.47 18.32
N MET B 294 -3.06 -5.80 18.04
CA MET B 294 -3.12 -4.73 17.05
C MET B 294 -3.25 -5.29 15.64
N TYR B 295 -4.39 -5.03 15.01
CA TYR B 295 -4.65 -5.54 13.69
C TYR B 295 -4.00 -4.74 12.58
N GLN B 296 -3.44 -5.46 11.62
CA GLN B 296 -2.79 -4.87 10.46
C GLN B 296 -2.67 -6.04 9.50
N ALA B 297 -3.18 -5.87 8.29
CA ALA B 297 -3.14 -6.94 7.33
C ALA B 297 -2.86 -6.38 5.95
N GLY B 298 -2.74 -7.27 4.98
CA GLY B 298 -2.48 -6.86 3.62
C GLY B 298 -2.57 -8.07 2.71
N THR B 299 -3.49 -8.01 1.74
CA THR B 299 -3.71 -9.08 0.78
C THR B 299 -2.43 -9.47 0.06
N LEU B 300 -1.75 -8.47 -0.49
CA LEU B 300 -0.52 -8.72 -1.23
C LEU B 300 0.76 -8.63 -0.44
N SER B 301 0.66 -8.42 0.87
CA SER B 301 1.86 -8.33 1.68
C SER B 301 2.66 -9.62 1.59
N GLY B 302 3.96 -9.47 1.39
CA GLY B 302 4.84 -10.63 1.31
C GLY B 302 4.67 -11.46 0.04
N ASN B 303 4.07 -10.89 -0.99
CA ASN B 303 3.91 -11.67 -2.22
C ASN B 303 5.30 -12.03 -2.75
N PRO B 304 5.41 -13.22 -3.37
CA PRO B 304 6.67 -13.72 -3.92
C PRO B 304 7.46 -12.82 -4.87
N LEU B 305 6.79 -12.01 -5.69
CA LEU B 305 7.50 -11.13 -6.60
C LEU B 305 8.26 -10.05 -5.85
N ALA B 306 7.55 -9.35 -4.98
CA ALA B 306 8.15 -8.28 -4.20
C ALA B 306 9.34 -8.83 -3.39
N MET B 307 9.14 -9.96 -2.74
CA MET B 307 10.20 -10.59 -1.95
C MET B 307 11.42 -10.88 -2.82
N THR B 308 11.18 -11.44 -4.01
CA THR B 308 12.28 -11.74 -4.92
C THR B 308 13.06 -10.49 -5.27
N ALA B 309 12.35 -9.44 -5.67
CA ALA B 309 12.99 -8.18 -6.04
C ALA B 309 13.77 -7.60 -4.87
N GLY B 310 13.19 -7.68 -3.67
CA GLY B 310 13.86 -7.13 -2.51
C GLY B 310 15.14 -7.89 -2.19
N ILE B 311 15.04 -9.21 -2.23
CA ILE B 311 16.17 -10.09 -1.97
C ILE B 311 17.31 -9.84 -2.94
N LYS B 312 17.01 -9.85 -4.23
CA LYS B 312 18.06 -9.63 -5.21
C LYS B 312 18.68 -8.25 -5.06
N THR B 313 17.87 -7.26 -4.74
CA THR B 313 18.36 -5.89 -4.57
C THR B 313 19.34 -5.83 -3.41
N LEU B 314 18.94 -6.39 -2.28
CA LEU B 314 19.78 -6.37 -1.10
C LEU B 314 21.07 -7.15 -1.35
N GLU B 315 20.96 -8.25 -2.08
CA GLU B 315 22.16 -9.03 -2.37
C GLU B 315 23.16 -8.21 -3.15
N LEU B 316 22.67 -7.42 -4.09
CA LEU B 316 23.53 -6.57 -4.90
C LEU B 316 24.19 -5.50 -4.06
N LEU B 317 23.44 -4.97 -3.09
CA LEU B 317 23.95 -3.93 -2.22
C LEU B 317 25.04 -4.44 -1.27
N ARG B 318 24.98 -5.73 -0.96
CA ARG B 318 25.97 -6.33 -0.07
C ARG B 318 27.32 -6.54 -0.74
N GLN B 319 27.40 -6.33 -2.05
CA GLN B 319 28.66 -6.49 -2.77
C GLN B 319 29.65 -5.43 -2.30
N PRO B 320 30.95 -5.74 -2.44
CA PRO B 320 32.04 -4.85 -2.05
C PRO B 320 32.02 -3.45 -2.67
N GLY B 321 32.34 -2.44 -1.85
CA GLY B 321 32.41 -1.08 -2.33
C GLY B 321 31.14 -0.39 -2.82
N THR B 322 29.99 -0.97 -2.52
CA THR B 322 28.73 -0.39 -2.94
C THR B 322 28.52 1.04 -2.45
N TYR B 323 28.53 1.23 -1.15
CA TYR B 323 28.32 2.55 -0.58
C TYR B 323 29.51 3.50 -0.77
N GLU B 324 30.72 2.96 -0.89
CA GLU B 324 31.89 3.79 -1.11
C GLU B 324 31.73 4.43 -2.48
N TYR B 325 31.29 3.63 -3.44
CA TYR B 325 31.10 4.13 -4.79
C TYR B 325 30.03 5.23 -4.81
N LEU B 326 28.92 4.99 -4.12
CA LEU B 326 27.83 5.96 -4.06
C LEU B 326 28.31 7.26 -3.45
N ASP B 327 29.04 7.18 -2.34
CA ASP B 327 29.53 8.38 -1.69
C ASP B 327 30.47 9.12 -2.64
N GLN B 328 31.39 8.37 -3.22
CA GLN B 328 32.35 8.93 -4.14
C GLN B 328 31.72 9.75 -5.27
N ILE B 329 30.90 9.10 -6.10
CA ILE B 329 30.28 9.84 -7.21
C ILE B 329 29.31 10.93 -6.78
N THR B 330 28.67 10.76 -5.64
CA THR B 330 27.71 11.76 -5.18
C THR B 330 28.40 13.01 -4.61
N LYS B 331 29.51 12.81 -3.90
CA LYS B 331 30.24 13.95 -3.35
C LYS B 331 30.74 14.77 -4.54
N ARG B 332 31.28 14.06 -5.52
CA ARG B 332 31.77 14.69 -6.74
C ARG B 332 30.67 15.57 -7.31
N LEU B 333 29.49 14.98 -7.46
CA LEU B 333 28.33 15.68 -8.00
C LEU B 333 27.98 16.87 -7.12
N SER B 334 27.75 16.60 -5.83
CA SER B 334 27.38 17.63 -4.88
C SER B 334 28.37 18.81 -4.85
N ASP B 335 29.65 18.52 -4.66
CA ASP B 335 30.67 19.56 -4.63
C ASP B 335 30.71 20.31 -5.95
N GLY B 336 30.70 19.55 -7.06
CA GLY B 336 30.72 20.14 -8.38
C GLY B 336 29.61 21.15 -8.57
N LEU B 337 28.40 20.75 -8.24
CA LEU B 337 27.24 21.62 -8.36
C LEU B 337 27.45 22.92 -7.57
N LEU B 338 27.92 22.78 -6.33
CA LEU B 338 28.15 23.92 -5.46
C LEU B 338 29.26 24.84 -6.00
N ALA B 339 30.30 24.25 -6.56
CA ALA B 339 31.42 25.02 -7.12
C ALA B 339 30.88 25.85 -8.28
N ILE B 340 30.13 25.19 -9.15
CA ILE B 340 29.54 25.84 -10.31
C ILE B 340 28.63 26.98 -9.87
N ALA B 341 27.91 26.78 -8.77
CA ALA B 341 27.01 27.80 -8.26
C ALA B 341 27.84 29.00 -7.80
N GLN B 342 28.92 28.72 -7.09
CA GLN B 342 29.82 29.75 -6.58
C GLN B 342 30.36 30.50 -7.79
N GLU B 343 30.98 29.74 -8.70
CA GLU B 343 31.56 30.28 -9.91
C GLU B 343 30.60 31.14 -10.72
N THR B 344 29.34 30.70 -10.83
CA THR B 344 28.35 31.45 -11.61
C THR B 344 27.66 32.56 -10.82
N GLY B 345 28.05 32.73 -9.57
CA GLY B 345 27.47 33.79 -8.77
C GLY B 345 26.10 33.52 -8.17
N HIS B 346 25.74 32.25 -7.99
CA HIS B 346 24.44 31.95 -7.40
C HIS B 346 24.60 31.46 -5.97
N ALA B 347 23.81 32.03 -5.07
CA ALA B 347 23.84 31.62 -3.68
C ALA B 347 23.32 30.20 -3.63
N ALA B 348 24.05 29.32 -2.98
CA ALA B 348 23.60 27.94 -2.91
C ALA B 348 24.26 27.19 -1.77
N CYS B 349 23.62 26.12 -1.37
CA CYS B 349 24.14 25.26 -0.32
C CYS B 349 23.54 23.88 -0.55
N GLY B 350 24.15 22.89 0.09
CA GLY B 350 23.64 21.55 -0.08
C GLY B 350 24.63 20.61 0.56
N GLY B 351 24.46 19.33 0.26
CA GLY B 351 25.33 18.34 0.82
C GLY B 351 24.89 16.99 0.33
N GLN B 352 25.62 15.97 0.75
CA GLN B 352 25.29 14.62 0.34
C GLN B 352 25.85 13.68 1.38
N VAL B 353 25.21 12.54 1.48
CA VAL B 353 25.63 11.48 2.38
C VAL B 353 25.27 10.26 1.54
N SER B 354 26.29 9.51 1.14
CA SER B 354 26.09 8.34 0.31
C SER B 354 25.36 8.78 -0.96
N GLY B 355 24.55 7.89 -1.52
CA GLY B 355 23.82 8.21 -2.74
C GLY B 355 22.60 9.08 -2.56
N MET B 356 22.68 10.05 -1.67
CA MET B 356 21.57 10.96 -1.42
C MET B 356 22.16 12.36 -1.31
N PHE B 357 21.60 13.29 -2.07
CA PHE B 357 22.14 14.65 -2.02
C PHE B 357 21.05 15.71 -2.10
N GLY B 358 21.43 16.93 -1.79
CA GLY B 358 20.49 18.04 -1.84
C GLY B 358 21.22 19.27 -2.34
N PHE B 359 20.48 20.16 -2.98
CA PHE B 359 21.06 21.39 -3.52
C PHE B 359 19.98 22.45 -3.40
N PHE B 360 20.23 23.50 -2.61
CA PHE B 360 19.24 24.57 -2.43
C PHE B 360 19.75 25.90 -3.00
N PHE B 361 18.84 26.68 -3.57
CA PHE B 361 19.21 27.97 -4.10
C PHE B 361 19.00 29.01 -3.01
N THR B 362 19.86 28.92 -1.99
CA THR B 362 19.86 29.81 -0.85
C THR B 362 21.22 29.62 -0.20
N GLU B 363 21.80 30.67 0.34
CA GLU B 363 23.11 30.56 0.97
C GLU B 363 23.04 29.67 2.20
N GLY B 364 21.85 29.56 2.78
CA GLY B 364 21.67 28.72 3.95
C GLY B 364 22.59 29.11 5.08
N PRO B 365 23.10 28.14 5.85
CA PRO B 365 22.82 26.71 5.69
C PRO B 365 21.39 26.34 6.06
N VAL B 366 20.95 25.16 5.62
CA VAL B 366 19.61 24.69 5.89
C VAL B 366 19.63 23.67 7.03
N HIS B 367 18.95 24.00 8.12
CA HIS B 367 18.89 23.12 9.28
C HIS B 367 17.48 22.58 9.49
N ASN B 368 16.51 23.23 8.85
CA ASN B 368 15.14 22.81 9.00
C ASN B 368 14.30 23.27 7.83
N TYR B 369 13.03 22.90 7.86
CA TYR B 369 12.08 23.25 6.81
C TYR B 369 11.98 24.75 6.58
N GLU B 370 12.02 25.53 7.66
CA GLU B 370 11.93 26.98 7.53
C GLU B 370 13.10 27.50 6.71
N ASP B 371 14.30 26.99 6.98
CA ASP B 371 15.47 27.42 6.23
C ASP B 371 15.27 27.04 4.78
N ALA B 372 14.87 25.79 4.54
CA ALA B 372 14.66 25.29 3.19
C ALA B 372 13.72 26.19 2.39
N LYS B 373 12.70 26.72 3.05
CA LYS B 373 11.73 27.57 2.37
C LYS B 373 12.28 28.91 1.88
N LYS B 374 13.47 29.28 2.35
CA LYS B 374 14.08 30.54 1.92
C LYS B 374 14.68 30.39 0.53
N SER B 375 14.73 29.16 0.04
CA SER B 375 15.28 28.89 -1.28
C SER B 375 14.53 29.66 -2.36
N ASP B 376 15.27 30.05 -3.40
CA ASP B 376 14.67 30.77 -4.51
C ASP B 376 14.01 29.76 -5.44
N LEU B 377 12.73 29.51 -5.20
CA LEU B 377 11.97 28.55 -6.01
C LEU B 377 11.86 28.96 -7.47
N GLN B 378 11.87 30.27 -7.71
CA GLN B 378 11.78 30.79 -9.06
C GLN B 378 13.01 30.31 -9.82
N LYS B 379 14.18 30.52 -9.22
CA LYS B 379 15.43 30.11 -9.84
C LYS B 379 15.48 28.60 -10.00
N PHE B 380 15.10 27.87 -8.94
CA PHE B 380 15.10 26.41 -9.01
C PHE B 380 14.29 25.95 -10.21
N SER B 381 13.12 26.53 -10.36
CA SER B 381 12.24 26.17 -11.46
C SER B 381 12.95 26.30 -12.80
N ARG B 382 13.65 27.41 -13.00
CA ARG B 382 14.36 27.64 -14.26
C ARG B 382 15.53 26.66 -14.38
N PHE B 383 16.21 26.43 -13.27
CA PHE B 383 17.34 25.51 -13.22
C PHE B 383 16.90 24.12 -13.62
N HIS B 384 15.81 23.65 -13.01
CA HIS B 384 15.28 22.32 -13.29
C HIS B 384 14.93 22.16 -14.76
N ARG B 385 14.20 23.14 -15.31
CA ARG B 385 13.83 23.08 -16.71
C ARG B 385 15.07 23.10 -17.60
N GLY B 386 16.03 23.96 -17.24
CA GLY B 386 17.25 24.05 -18.00
C GLY B 386 18.03 22.74 -18.04
N MET B 387 18.09 22.07 -16.90
CA MET B 387 18.80 20.79 -16.82
C MET B 387 18.08 19.72 -17.63
N LEU B 388 16.75 19.76 -17.58
CA LEU B 388 15.93 18.80 -18.31
C LEU B 388 16.29 18.89 -19.79
N GLU B 389 16.35 20.11 -20.30
CA GLU B 389 16.69 20.34 -21.70
C GLU B 389 18.11 19.91 -22.02
N GLN B 390 18.94 19.80 -21.00
CA GLN B 390 20.31 19.37 -21.19
C GLN B 390 20.41 17.86 -21.00
N GLY B 391 19.26 17.21 -20.82
CA GLY B 391 19.25 15.77 -20.65
C GLY B 391 19.48 15.25 -19.24
N ILE B 392 19.24 16.10 -18.25
CA ILE B 392 19.41 15.71 -16.86
C ILE B 392 18.06 15.76 -16.17
N TYR B 393 17.66 14.67 -15.55
CA TYR B 393 16.37 14.61 -14.87
C TYR B 393 16.53 14.72 -13.36
N LEU B 394 16.06 15.84 -12.82
CA LEU B 394 16.17 16.08 -11.38
C LEU B 394 14.77 16.13 -10.79
N ALA B 395 14.69 15.88 -9.50
CA ALA B 395 13.41 15.90 -8.80
C ALA B 395 12.73 17.23 -9.14
N PRO B 396 11.48 17.16 -9.61
CA PRO B 396 10.76 18.39 -9.96
C PRO B 396 10.30 19.13 -8.71
N SER B 397 11.22 19.35 -7.79
CA SER B 397 10.89 20.03 -6.55
C SER B 397 12.13 20.36 -5.75
N GLN B 398 12.16 21.57 -5.23
CA GLN B 398 13.29 22.03 -4.41
C GLN B 398 13.29 21.27 -3.10
N PHE B 399 12.12 20.74 -2.72
CA PHE B 399 12.00 20.05 -1.45
C PHE B 399 12.09 18.53 -1.49
N GLU B 400 12.74 18.00 -2.53
CA GLU B 400 12.93 16.56 -2.62
C GLU B 400 14.42 16.34 -2.82
N ALA B 401 14.98 15.40 -2.06
CA ALA B 401 16.40 15.10 -2.19
C ALA B 401 16.63 14.42 -3.53
N GLY B 402 17.88 14.43 -3.97
CA GLY B 402 18.22 13.81 -5.24
C GLY B 402 18.86 12.47 -4.94
N PHE B 403 18.87 11.58 -5.93
CA PHE B 403 19.47 10.26 -5.72
C PHE B 403 20.46 9.83 -6.77
N THR B 404 21.40 9.03 -6.31
CA THR B 404 22.45 8.49 -7.14
C THR B 404 22.29 6.97 -7.11
N SER B 405 22.83 6.29 -8.11
CA SER B 405 22.72 4.83 -8.19
C SER B 405 24.06 4.21 -8.59
N LEU B 406 24.18 2.91 -8.38
CA LEU B 406 25.40 2.19 -8.71
C LEU B 406 25.63 2.17 -10.22
N ALA B 407 24.61 2.51 -10.98
CA ALA B 407 24.70 2.53 -12.43
C ALA B 407 25.26 3.86 -12.94
N HIS B 408 25.14 4.92 -12.14
CA HIS B 408 25.70 6.21 -12.56
C HIS B 408 27.21 6.07 -12.64
N THR B 409 27.80 6.47 -13.76
CA THR B 409 29.24 6.39 -13.94
C THR B 409 29.86 7.76 -13.74
N GLU B 410 31.18 7.78 -13.64
CA GLU B 410 31.89 9.03 -13.47
C GLU B 410 31.55 9.94 -14.65
N GLU B 411 31.41 9.35 -15.83
CA GLU B 411 31.08 10.11 -17.02
C GLU B 411 29.70 10.75 -16.89
N ASP B 412 28.75 10.02 -16.30
CA ASP B 412 27.41 10.57 -16.13
C ASP B 412 27.49 11.80 -15.23
N ILE B 413 28.31 11.71 -14.19
CA ILE B 413 28.49 12.83 -13.27
C ILE B 413 29.07 14.03 -14.01
N ASP B 414 30.14 13.81 -14.77
CA ASP B 414 30.77 14.90 -15.51
C ASP B 414 29.80 15.55 -16.48
N ALA B 415 29.04 14.71 -17.18
CA ALA B 415 28.07 15.21 -18.14
C ALA B 415 27.05 16.07 -17.41
N THR B 416 26.74 15.70 -16.17
CA THR B 416 25.77 16.43 -15.36
C THR B 416 26.36 17.77 -14.91
N LEU B 417 27.63 17.77 -14.53
CA LEU B 417 28.27 19.01 -14.11
C LEU B 417 28.44 19.95 -15.31
N ALA B 418 28.75 19.37 -16.48
CA ALA B 418 28.89 20.19 -17.68
C ALA B 418 27.53 20.85 -17.91
N ALA B 419 26.47 20.05 -17.83
CA ALA B 419 25.13 20.57 -18.03
C ALA B 419 24.82 21.64 -17.00
N ALA B 420 25.13 21.36 -15.74
CA ALA B 420 24.88 22.32 -14.67
C ALA B 420 25.59 23.65 -14.93
N ARG B 421 26.84 23.58 -15.37
CA ARG B 421 27.60 24.80 -15.65
C ARG B 421 26.88 25.60 -16.72
N THR B 422 26.50 24.93 -17.80
CA THR B 422 25.79 25.56 -18.90
C THR B 422 24.51 26.24 -18.43
N VAL B 423 23.73 25.52 -17.63
CA VAL B 423 22.47 26.05 -17.13
C VAL B 423 22.63 27.21 -16.15
N MET B 424 23.48 27.04 -15.14
CA MET B 424 23.67 28.11 -14.18
C MET B 424 24.34 29.33 -14.79
N SER B 425 25.12 29.14 -15.85
CA SER B 425 25.77 30.27 -16.51
C SER B 425 24.70 31.23 -17.00
N ALA B 426 23.52 30.68 -17.30
CA ALA B 426 22.39 31.50 -17.74
C ALA B 426 21.64 31.92 -16.49
N LEU B 427 20.44 31.39 -16.30
CA LEU B 427 19.61 31.72 -15.13
C LEU B 427 19.51 33.22 -14.86
#